data_5C3S
#
_entry.id   5C3S
#
_cell.length_a   56.801
_cell.length_b   155.604
_cell.length_c   75.954
_cell.angle_alpha   90.000
_cell.angle_beta   91.740
_cell.angle_gamma   90.000
#
_symmetry.space_group_name_H-M   'P 1 21 1'
#
loop_
_entity.id
_entity.type
_entity.pdbx_description
1 polymer 'Thymine dioxygenase'
2 non-polymer 'NICKEL (II) ION'
3 non-polymer '2-OXOGLUTARIC ACID'
4 non-polymer 2,4-dioxo-1,2,3,4-tetrahydropyrimidine-5-carbaldehyde
5 non-polymer 1,2-ETHANEDIOL
6 water water
#
_entity_poly.entity_id   1
_entity_poly.type   'polypeptide(L)'
_entity_poly.pdbx_seq_one_letter_code
;GSMEKAAVNEDGLVIPLIDFSKFLEGDETLKLETAKAILHGFQTAGFIYLKNIPIQPDFREHVFNTSAKFFKLPKEKKLE
VGWTTPEANRGYSAPGREKVTQLTDPAEIEKIRSAAPDIKESYEIGREDEPGHPNPWPAEQDDLVGFKSTMNNFFDQCKA
LHIEVMRAIAVGMGIDANYFDSFVDVGDNILRLLHYPAVKSEVFKINPGQVRAGEHTDYGSITLLFQDSRGGLQVKSPNG
QFIDATPIENTVVVNAGDLLARWSNDTIKSTVHRVVEPPKQEDVHPPRYSIAYFCNPNHKSYIEAIPGTYAAESERKYEG
INSGKYLVQRLAATYLEHHHHHH
;
_entity_poly.pdbx_strand_id   A,B,C,D
#
# COMPACT_ATOMS: atom_id res chain seq x y z
N GLY A 1 3.04 21.19 -19.23
CA GLY A 1 2.49 20.40 -20.37
C GLY A 1 1.14 19.78 -20.06
N SER A 2 0.16 20.10 -20.92
CA SER A 2 -1.24 19.79 -20.68
C SER A 2 -1.65 18.40 -21.19
N MET A 3 -1.90 17.49 -20.27
CA MET A 3 -2.43 16.16 -20.62
C MET A 3 -3.95 16.22 -20.75
N GLU A 4 -4.49 15.48 -21.73
CA GLU A 4 -5.94 15.40 -21.92
C GLU A 4 -6.60 14.52 -20.87
N LYS A 5 -7.90 14.69 -20.72
CA LYS A 5 -8.70 13.78 -19.90
C LYS A 5 -8.62 12.37 -20.50
N ALA A 6 -8.37 11.37 -19.65
CA ALA A 6 -8.29 9.97 -20.08
C ALA A 6 -9.51 9.58 -20.92
N ALA A 7 -9.28 8.83 -21.99
CA ALA A 7 -10.39 8.27 -22.78
C ALA A 7 -11.21 7.29 -21.94
N VAL A 8 -10.53 6.49 -21.14
CA VAL A 8 -11.16 5.52 -20.26
C VAL A 8 -10.46 5.57 -18.91
N ASN A 9 -11.25 5.51 -17.84
CA ASN A 9 -10.71 5.53 -16.48
C ASN A 9 -11.66 4.78 -15.57
N GLU A 10 -11.46 3.47 -15.48
CA GLU A 10 -12.40 2.60 -14.80
C GLU A 10 -11.78 1.28 -14.33
N ASP A 11 -12.03 0.93 -13.08
CA ASP A 11 -11.63 -0.36 -12.53
C ASP A 11 -10.12 -0.56 -12.66
N GLY A 12 -9.37 0.51 -12.45
CA GLY A 12 -7.91 0.49 -12.60
C GLY A 12 -7.41 0.59 -14.03
N LEU A 13 -8.33 0.61 -15.01
CA LEU A 13 -7.94 0.75 -16.42
C LEU A 13 -7.92 2.22 -16.83
N VAL A 14 -6.74 2.73 -17.12
CA VAL A 14 -6.57 4.13 -17.53
C VAL A 14 -6.02 4.17 -18.96
N ILE A 15 -6.90 4.49 -19.92
CA ILE A 15 -6.48 4.64 -21.32
C ILE A 15 -6.40 6.13 -21.63
N PRO A 16 -5.17 6.65 -21.84
CA PRO A 16 -4.97 8.08 -22.10
C PRO A 16 -5.47 8.50 -23.48
N LEU A 17 -5.91 9.74 -23.56
CA LEU A 17 -6.21 10.39 -24.82
C LEU A 17 -5.05 11.33 -25.11
N ILE A 18 -4.42 11.16 -26.26
CA ILE A 18 -3.19 11.87 -26.58
C ILE A 18 -3.32 12.56 -27.93
N ASP A 19 -2.93 13.83 -27.95
CA ASP A 19 -2.94 14.65 -29.16
C ASP A 19 -1.66 14.38 -29.97
N PHE A 20 -1.78 13.58 -31.01
CA PHE A 20 -0.61 13.11 -31.75
C PHE A 20 0.13 14.21 -32.51
N SER A 21 -0.58 15.28 -32.89
CA SER A 21 0.05 16.41 -33.57
C SER A 21 1.13 17.08 -32.71
N LYS A 22 1.04 16.92 -31.39
CA LYS A 22 2.03 17.46 -30.47
C LYS A 22 3.34 16.66 -30.49
N PHE A 23 3.26 15.39 -30.89
CA PHE A 23 4.47 14.62 -31.18
C PHE A 23 5.01 15.00 -32.55
N LEU A 24 4.11 15.13 -33.53
CA LEU A 24 4.54 15.42 -34.89
C LEU A 24 5.01 16.85 -35.10
N GLU A 25 4.44 17.81 -34.37
CA GLU A 25 4.72 19.23 -34.62
C GLU A 25 5.20 20.04 -33.42
N GLY A 26 5.33 19.42 -32.25
CA GLY A 26 5.76 20.16 -31.05
C GLY A 26 7.22 20.54 -31.07
N ASP A 27 7.57 21.56 -30.29
CA ASP A 27 8.97 21.81 -29.92
C ASP A 27 9.50 20.59 -29.18
N GLU A 28 10.81 20.53 -28.97
CA GLU A 28 11.46 19.34 -28.42
C GLU A 28 10.88 18.91 -27.05
N THR A 29 10.59 19.87 -26.17
CA THR A 29 9.98 19.58 -24.86
C THR A 29 8.61 18.89 -25.01
N LEU A 30 7.74 19.48 -25.81
CA LEU A 30 6.38 18.95 -26.03
C LEU A 30 6.41 17.58 -26.73
N LYS A 31 7.31 17.43 -27.70
CA LYS A 31 7.49 16.19 -28.45
C LYS A 31 7.88 15.05 -27.49
N LEU A 32 8.86 15.31 -26.64
CA LEU A 32 9.29 14.32 -25.66
C LEU A 32 8.20 14.01 -24.62
N GLU A 33 7.51 15.04 -24.14
CA GLU A 33 6.38 14.85 -23.20
C GLU A 33 5.31 13.93 -23.80
N THR A 34 4.95 14.21 -25.05
CA THR A 34 3.92 13.44 -25.74
C THR A 34 4.36 11.99 -25.99
N ALA A 35 5.62 11.81 -26.40
CA ALA A 35 6.16 10.47 -26.66
C ALA A 35 6.13 9.63 -25.40
N LYS A 36 6.56 10.23 -24.29
CA LYS A 36 6.55 9.57 -23.00
C LYS A 36 5.14 9.21 -22.54
N ALA A 37 4.15 10.06 -22.86
CA ALA A 37 2.77 9.75 -22.52
C ALA A 37 2.27 8.56 -23.35
N ILE A 38 2.69 8.52 -24.61
CA ILE A 38 2.34 7.42 -25.51
C ILE A 38 2.88 6.08 -24.96
N LEU A 39 4.18 6.05 -24.71
CA LEU A 39 4.85 4.88 -24.14
C LEU A 39 4.21 4.44 -22.84
N HIS A 40 3.95 5.39 -21.97
CA HIS A 40 3.43 5.08 -20.64
C HIS A 40 2.07 4.43 -20.73
N GLY A 41 1.25 4.89 -21.67
CA GLY A 41 -0.02 4.25 -21.98
C GLY A 41 0.13 2.79 -22.40
N PHE A 42 1.07 2.53 -23.29
CA PHE A 42 1.38 1.16 -23.72
C PHE A 42 1.95 0.27 -22.62
N GLN A 43 2.72 0.87 -21.71
CA GLN A 43 3.33 0.11 -20.61
C GLN A 43 2.37 -0.24 -19.49
N THR A 44 1.19 0.39 -19.46
CA THR A 44 0.29 0.26 -18.33
C THR A 44 -1.03 -0.38 -18.79
N ALA A 45 -1.75 0.29 -19.68
CA ALA A 45 -3.02 -0.20 -20.21
C ALA A 45 -2.88 -1.08 -21.44
N GLY A 46 -1.79 -0.87 -22.19
CA GLY A 46 -1.59 -1.49 -23.50
C GLY A 46 -2.42 -0.87 -24.61
N PHE A 47 -3.14 0.20 -24.28
CA PHE A 47 -4.09 0.85 -25.18
C PHE A 47 -3.95 2.35 -25.01
N ILE A 48 -4.12 3.11 -26.09
CA ILE A 48 -4.23 4.56 -26.01
C ILE A 48 -5.25 5.03 -27.05
N TYR A 49 -5.81 6.23 -26.86
CA TYR A 49 -6.53 6.89 -27.96
C TYR A 49 -5.66 8.03 -28.47
N LEU A 50 -5.63 8.19 -29.80
CA LEU A 50 -4.94 9.29 -30.43
C LEU A 50 -5.95 10.19 -31.11
N LYS A 51 -5.79 11.49 -30.92
CA LYS A 51 -6.54 12.49 -31.68
C LYS A 51 -5.56 13.35 -32.50
N ASN A 52 -6.12 14.11 -33.45
CA ASN A 52 -5.33 14.94 -34.37
C ASN A 52 -4.20 14.16 -35.01
N ILE A 53 -4.56 13.03 -35.62
CA ILE A 53 -3.61 12.24 -36.40
C ILE A 53 -3.59 12.78 -37.84
N PRO A 54 -2.56 12.45 -38.63
CA PRO A 54 -2.48 12.98 -40.01
C PRO A 54 -3.55 12.45 -40.97
N ILE A 55 -4.21 11.34 -40.64
CA ILE A 55 -5.33 10.86 -41.46
C ILE A 55 -6.53 11.78 -41.24
N GLN A 56 -7.04 12.37 -42.31
CA GLN A 56 -8.10 13.39 -42.22
C GLN A 56 -9.48 12.77 -42.02
N PRO A 57 -10.32 13.40 -41.18
CA PRO A 57 -11.65 12.89 -40.86
C PRO A 57 -12.56 12.61 -42.06
N ASP A 58 -12.52 13.45 -43.07
CA ASP A 58 -13.41 13.26 -44.23
C ASP A 58 -12.95 12.12 -45.14
N PHE A 59 -11.64 11.88 -45.19
CA PHE A 59 -11.13 10.68 -45.88
C PHE A 59 -11.51 9.41 -45.13
N ARG A 60 -11.32 9.42 -43.81
CA ARG A 60 -11.77 8.31 -42.94
C ARG A 60 -13.27 8.01 -43.13
N GLU A 61 -14.09 9.05 -43.19
CA GLU A 61 -15.53 8.89 -43.46
C GLU A 61 -15.78 8.26 -44.83
N HIS A 62 -15.01 8.69 -45.85
CA HIS A 62 -15.09 8.12 -47.19
C HIS A 62 -14.66 6.64 -47.20
N VAL A 63 -13.65 6.31 -46.40
CA VAL A 63 -13.19 4.92 -46.30
C VAL A 63 -14.28 4.02 -45.70
N PHE A 64 -14.92 4.48 -44.61
CA PHE A 64 -16.04 3.74 -43.99
C PHE A 64 -17.21 3.59 -44.96
N ASN A 65 -17.50 4.63 -45.72
CA ASN A 65 -18.51 4.58 -46.77
C ASN A 65 -18.17 3.54 -47.84
N THR A 66 -16.90 3.51 -48.25
CA THR A 66 -16.41 2.55 -49.25
C THR A 66 -16.47 1.10 -48.73
N SER A 67 -16.14 0.91 -47.46
CA SER A 67 -16.22 -0.40 -46.81
C SER A 67 -17.68 -0.89 -46.71
N ALA A 68 -18.57 0.03 -46.35
CA ALA A 68 -19.99 -0.29 -46.27
C ALA A 68 -20.54 -0.78 -47.62
N LYS A 69 -20.05 -0.18 -48.72
CA LYS A 69 -20.45 -0.62 -50.07
C LYS A 69 -19.96 -2.04 -50.38
N PHE A 70 -18.76 -2.40 -49.94
CA PHE A 70 -18.28 -3.76 -50.15
C PHE A 70 -19.19 -4.78 -49.50
N PHE A 71 -19.56 -4.54 -48.24
CA PHE A 71 -20.31 -5.52 -47.48
C PHE A 71 -21.77 -5.61 -47.93
N LYS A 72 -22.26 -4.58 -48.63
CA LYS A 72 -23.60 -4.63 -49.27
C LYS A 72 -23.64 -5.50 -50.54
N LEU A 73 -22.48 -5.96 -51.01
CA LEU A 73 -22.42 -6.91 -52.13
C LEU A 73 -23.16 -8.21 -51.77
N PRO A 74 -23.79 -8.85 -52.78
CA PRO A 74 -24.38 -10.16 -52.56
C PRO A 74 -23.38 -11.17 -52.03
N LYS A 75 -23.88 -12.14 -51.26
CA LYS A 75 -23.06 -13.17 -50.63
C LYS A 75 -22.12 -13.89 -51.60
N GLU A 76 -22.59 -14.13 -52.83
CA GLU A 76 -21.82 -14.89 -53.82
C GLU A 76 -20.60 -14.11 -54.27
N LYS A 77 -20.74 -12.80 -54.34
CA LYS A 77 -19.68 -11.89 -54.79
C LYS A 77 -18.59 -11.76 -53.73
N LYS A 78 -18.97 -11.88 -52.46
CA LYS A 78 -18.00 -11.76 -51.37
C LYS A 78 -17.21 -13.06 -51.21
N LEU A 79 -17.86 -14.20 -51.37
CA LEU A 79 -17.18 -15.50 -51.32
C LEU A 79 -16.19 -15.69 -52.45
N GLU A 80 -16.47 -15.08 -53.61
CA GLU A 80 -15.56 -15.11 -54.76
C GLU A 80 -14.19 -14.58 -54.39
N VAL A 81 -14.13 -13.62 -53.47
CA VAL A 81 -12.85 -13.09 -52.99
C VAL A 81 -12.60 -13.55 -51.56
N GLY A 82 -12.86 -14.83 -51.32
CA GLY A 82 -12.78 -15.43 -49.99
C GLY A 82 -11.38 -15.59 -49.44
N TRP A 83 -11.26 -15.52 -48.12
CA TRP A 83 -10.00 -15.78 -47.40
C TRP A 83 -9.55 -17.19 -47.72
N THR A 84 -8.27 -17.36 -48.04
CA THR A 84 -7.77 -18.68 -48.44
C THR A 84 -6.93 -19.32 -47.33
N THR A 85 -5.73 -18.82 -47.12
CA THR A 85 -4.81 -19.46 -46.19
C THR A 85 -4.24 -18.47 -45.18
N PRO A 86 -3.75 -18.99 -44.04
CA PRO A 86 -3.09 -18.15 -43.04
C PRO A 86 -1.84 -17.46 -43.60
N GLU A 87 -1.18 -18.13 -44.56
CA GLU A 87 0.02 -17.56 -45.19
C GLU A 87 -0.27 -16.32 -46.02
N ALA A 88 -1.46 -16.29 -46.64
CA ALA A 88 -1.88 -15.13 -47.43
C ALA A 88 -2.57 -14.09 -46.56
N ASN A 89 -3.42 -14.55 -45.65
CA ASN A 89 -4.17 -13.70 -44.72
C ASN A 89 -4.91 -12.54 -45.42
N ARG A 90 -5.50 -12.83 -46.58
CA ARG A 90 -6.20 -11.81 -47.38
C ARG A 90 -7.53 -12.35 -47.92
N GLY A 91 -8.53 -11.48 -47.91
CA GLY A 91 -9.83 -11.80 -48.51
C GLY A 91 -10.97 -11.81 -47.53
N TYR A 92 -12.11 -12.31 -47.99
CA TYR A 92 -13.37 -12.22 -47.27
C TYR A 92 -13.59 -13.40 -46.33
N SER A 93 -14.13 -13.11 -45.16
CA SER A 93 -14.44 -14.15 -44.19
C SER A 93 -15.69 -13.83 -43.37
N ALA A 94 -16.44 -14.88 -43.08
CA ALA A 94 -17.61 -14.79 -42.21
C ALA A 94 -17.65 -16.10 -41.45
N PRO A 95 -17.57 -16.05 -40.11
CA PRO A 95 -17.49 -17.31 -39.37
C PRO A 95 -18.78 -18.10 -39.48
N GLY A 96 -18.65 -19.41 -39.66
CA GLY A 96 -19.79 -20.30 -39.71
C GLY A 96 -19.88 -21.17 -38.48
N ARG A 97 -20.98 -21.91 -38.39
CA ARG A 97 -21.17 -22.91 -37.35
C ARG A 97 -20.39 -24.18 -37.68
N GLU A 98 -19.69 -24.73 -36.70
CA GLU A 98 -19.05 -26.03 -36.84
C GLU A 98 -20.13 -27.10 -36.90
N LYS A 99 -19.88 -28.17 -37.67
CA LYS A 99 -20.87 -29.23 -37.86
C LYS A 99 -20.50 -30.48 -37.08
N VAL A 100 -21.52 -31.18 -36.56
CA VAL A 100 -21.33 -32.49 -35.97
C VAL A 100 -21.16 -33.49 -37.12
N THR A 101 -20.15 -34.35 -37.01
CA THR A 101 -19.90 -35.39 -38.01
C THR A 101 -19.57 -36.73 -37.36
N GLN A 102 -19.35 -37.75 -38.21
CA GLN A 102 -18.90 -39.08 -37.77
C GLN A 102 -17.59 -39.00 -36.97
N LEU A 103 -16.69 -38.12 -37.41
CA LEU A 103 -15.40 -37.92 -36.74
C LEU A 103 -15.51 -37.26 -35.37
N THR A 104 -16.55 -36.44 -35.17
CA THR A 104 -16.78 -35.71 -33.92
C THR A 104 -16.77 -36.65 -32.70
N ASP A 105 -16.21 -36.16 -31.59
CA ASP A 105 -16.16 -36.92 -30.34
C ASP A 105 -17.38 -36.56 -29.49
N PRO A 106 -18.15 -37.56 -29.04
CA PRO A 106 -19.41 -37.35 -28.32
C PRO A 106 -19.31 -36.36 -27.16
N ALA A 107 -18.15 -36.31 -26.52
CA ALA A 107 -17.89 -35.41 -25.40
C ALA A 107 -18.18 -33.94 -25.71
N GLU A 108 -17.89 -33.49 -26.93
CA GLU A 108 -18.07 -32.08 -27.31
C GLU A 108 -19.21 -31.81 -28.33
N ILE A 109 -20.08 -32.79 -28.55
CA ILE A 109 -21.25 -32.62 -29.42
C ILE A 109 -22.19 -31.55 -28.85
N GLU A 110 -22.44 -31.63 -27.54
CA GLU A 110 -23.24 -30.63 -26.82
C GLU A 110 -22.73 -29.21 -27.05
N LYS A 111 -21.40 -29.06 -26.98
CA LYS A 111 -20.74 -27.76 -27.12
C LYS A 111 -20.82 -27.25 -28.56
N ILE A 112 -20.53 -28.12 -29.52
CA ILE A 112 -20.62 -27.78 -30.94
C ILE A 112 -22.05 -27.35 -31.30
N ARG A 113 -23.05 -28.07 -30.79
CA ARG A 113 -24.45 -27.76 -31.05
C ARG A 113 -24.88 -26.44 -30.40
N SER A 114 -24.28 -26.11 -29.26
CA SER A 114 -24.67 -24.91 -28.51
C SER A 114 -23.78 -23.69 -28.81
N ALA A 115 -22.71 -23.89 -29.57
CA ALA A 115 -21.81 -22.78 -29.90
C ALA A 115 -22.54 -21.72 -30.70
N ALA A 116 -22.12 -20.47 -30.51
CA ALA A 116 -22.69 -19.34 -31.23
C ALA A 116 -21.53 -18.55 -31.85
N PRO A 117 -21.39 -18.59 -33.18
CA PRO A 117 -20.27 -17.89 -33.81
C PRO A 117 -20.42 -16.36 -33.81
N ASP A 118 -19.30 -15.66 -33.78
CA ASP A 118 -19.28 -14.19 -33.78
C ASP A 118 -20.11 -13.62 -34.94
N ILE A 119 -20.97 -12.66 -34.65
CA ILE A 119 -21.86 -12.07 -35.65
C ILE A 119 -21.13 -10.91 -36.34
N LYS A 120 -20.33 -11.26 -37.35
CA LYS A 120 -19.45 -10.32 -38.02
C LYS A 120 -19.04 -10.89 -39.36
N GLU A 121 -18.57 -10.04 -40.23
CA GLU A 121 -17.88 -10.47 -41.42
C GLU A 121 -16.71 -9.51 -41.59
N SER A 122 -15.71 -9.93 -42.35
CA SER A 122 -14.52 -9.12 -42.53
C SER A 122 -13.97 -9.27 -43.93
N TYR A 123 -13.16 -8.31 -44.34
CA TYR A 123 -12.41 -8.35 -45.57
C TYR A 123 -11.01 -7.79 -45.31
N GLU A 124 -10.00 -8.59 -45.62
CA GLU A 124 -8.62 -8.25 -45.29
C GLU A 124 -7.76 -7.96 -46.53
N ILE A 125 -7.04 -6.84 -46.44
CA ILE A 125 -6.20 -6.34 -47.52
C ILE A 125 -4.77 -6.24 -47.00
N GLY A 126 -3.83 -6.90 -47.67
CA GLY A 126 -2.39 -6.80 -47.35
C GLY A 126 -1.73 -5.81 -48.30
N ARG A 127 -0.41 -5.65 -48.22
CA ARG A 127 0.27 -4.76 -49.17
C ARG A 127 0.24 -5.39 -50.56
N GLU A 128 0.04 -4.54 -51.56
CA GLU A 128 -0.18 -4.97 -52.95
C GLU A 128 0.93 -5.79 -53.58
N ASP A 129 2.18 -5.52 -53.18
CA ASP A 129 3.31 -6.04 -53.93
C ASP A 129 4.09 -7.12 -53.18
N GLU A 130 3.42 -7.83 -52.28
CA GLU A 130 4.06 -8.94 -51.60
C GLU A 130 4.18 -10.14 -52.52
N PRO A 131 5.41 -10.62 -52.77
CA PRO A 131 5.64 -11.75 -53.65
C PRO A 131 4.77 -12.95 -53.26
N GLY A 132 4.02 -13.47 -54.22
CA GLY A 132 3.24 -14.69 -54.03
C GLY A 132 1.93 -14.60 -53.27
N HIS A 133 1.50 -13.38 -52.92
CA HIS A 133 0.24 -13.19 -52.19
C HIS A 133 -0.58 -12.00 -52.71
N PRO A 134 -1.18 -12.13 -53.90
CA PRO A 134 -1.99 -10.99 -54.36
C PRO A 134 -3.28 -10.79 -53.54
N ASN A 135 -3.71 -9.53 -53.43
CA ASN A 135 -5.00 -9.20 -52.83
C ASN A 135 -6.16 -9.60 -53.75
N PRO A 136 -7.16 -10.34 -53.21
CA PRO A 136 -8.32 -10.69 -54.03
C PRO A 136 -9.34 -9.56 -54.09
N TRP A 137 -9.11 -8.59 -54.97
CA TRP A 137 -10.01 -7.45 -55.09
C TRP A 137 -11.30 -7.86 -55.81
N PRO A 138 -12.44 -7.29 -55.39
CA PRO A 138 -13.70 -7.52 -56.11
C PRO A 138 -13.77 -6.68 -57.38
N ALA A 139 -14.66 -7.04 -58.30
CA ALA A 139 -14.82 -6.31 -59.56
C ALA A 139 -15.23 -4.84 -59.32
N GLU A 140 -14.52 -3.91 -59.97
CA GLU A 140 -14.81 -2.48 -59.85
C GLU A 140 -16.03 -2.08 -60.70
N GLN A 141 -17.22 -2.47 -60.25
CA GLN A 141 -18.44 -2.16 -60.99
C GLN A 141 -19.47 -1.48 -60.08
N ASP A 142 -20.17 -0.49 -60.64
CA ASP A 142 -21.18 0.30 -59.92
C ASP A 142 -20.62 0.97 -58.66
N ASP A 143 -21.21 0.67 -57.50
CA ASP A 143 -20.82 1.27 -56.23
C ASP A 143 -19.40 0.94 -55.78
N LEU A 144 -18.81 -0.13 -56.31
CA LEU A 144 -17.44 -0.48 -55.94
C LEU A 144 -16.37 0.15 -56.82
N VAL A 145 -16.76 1.00 -57.76
CA VAL A 145 -15.80 1.79 -58.52
C VAL A 145 -15.05 2.70 -57.55
N GLY A 146 -13.73 2.57 -57.52
CA GLY A 146 -12.88 3.34 -56.61
C GLY A 146 -12.48 2.60 -55.33
N PHE A 147 -12.97 1.38 -55.16
CA PHE A 147 -12.72 0.58 -53.96
C PHE A 147 -11.23 0.31 -53.73
N LYS A 148 -10.54 -0.17 -54.78
CA LYS A 148 -9.13 -0.48 -54.68
C LYS A 148 -8.26 0.75 -54.37
N SER A 149 -8.47 1.84 -55.09
CA SER A 149 -7.63 3.03 -54.93
C SER A 149 -7.81 3.64 -53.53
N THR A 150 -9.04 3.64 -53.04
CA THR A 150 -9.34 4.13 -51.71
C THR A 150 -8.67 3.28 -50.63
N MET A 151 -8.79 1.96 -50.74
CA MET A 151 -8.26 1.05 -49.72
C MET A 151 -6.73 0.98 -49.74
N ASN A 152 -6.13 1.02 -50.94
CA ASN A 152 -4.67 1.14 -51.07
C ASN A 152 -4.15 2.44 -50.49
N ASN A 153 -4.86 3.52 -50.77
CA ASN A 153 -4.55 4.85 -50.22
C ASN A 153 -4.55 4.80 -48.70
N PHE A 154 -5.65 4.30 -48.14
CA PHE A 154 -5.80 4.17 -46.69
C PHE A 154 -4.70 3.31 -46.08
N PHE A 155 -4.41 2.18 -46.73
CA PHE A 155 -3.33 1.28 -46.31
C PHE A 155 -2.00 2.02 -46.14
N ASP A 156 -1.62 2.81 -47.14
CA ASP A 156 -0.36 3.56 -47.11
C ASP A 156 -0.37 4.69 -46.06
N GLN A 157 -1.52 5.32 -45.84
CA GLN A 157 -1.62 6.33 -44.78
C GLN A 157 -1.51 5.72 -43.37
N CYS A 158 -2.06 4.52 -43.18
CA CYS A 158 -1.96 3.82 -41.91
C CYS A 158 -0.54 3.30 -41.71
N LYS A 159 0.05 2.84 -42.82
CA LYS A 159 1.45 2.41 -42.85
C LYS A 159 2.36 3.54 -42.35
N ALA A 160 2.13 4.75 -42.86
CA ALA A 160 2.89 5.92 -42.38
C ALA A 160 2.64 6.19 -40.89
N LEU A 161 1.38 6.05 -40.46
CA LEU A 161 1.03 6.29 -39.06
C LEU A 161 1.72 5.29 -38.13
N HIS A 162 1.77 4.03 -38.54
CA HIS A 162 2.49 2.99 -37.81
C HIS A 162 3.93 3.40 -37.58
N ILE A 163 4.62 3.76 -38.65
CA ILE A 163 6.01 4.22 -38.56
C ILE A 163 6.15 5.35 -37.54
N GLU A 164 5.24 6.32 -37.57
CA GLU A 164 5.24 7.46 -36.63
C GLU A 164 4.96 7.07 -35.17
N VAL A 165 4.03 6.14 -34.93
CA VAL A 165 3.78 5.69 -33.55
C VAL A 165 4.98 4.95 -33.00
N MET A 166 5.69 4.21 -33.83
CA MET A 166 6.84 3.46 -33.35
C MET A 166 7.97 4.44 -33.02
N ARG A 167 8.10 5.50 -33.81
CA ARG A 167 9.03 6.58 -33.48
C ARG A 167 8.71 7.20 -32.13
N ALA A 168 7.43 7.45 -31.85
CA ALA A 168 7.05 7.99 -30.54
C ALA A 168 7.44 7.03 -29.41
N ILE A 169 7.28 5.74 -29.66
CA ILE A 169 7.69 4.73 -28.66
C ILE A 169 9.19 4.78 -28.42
N ALA A 170 9.96 4.87 -29.50
CA ALA A 170 11.42 4.98 -29.41
C ALA A 170 11.88 6.25 -28.70
N VAL A 171 11.24 7.38 -29.02
CA VAL A 171 11.56 8.64 -28.36
C VAL A 171 11.23 8.55 -26.86
N GLY A 172 10.07 7.97 -26.54
CA GLY A 172 9.65 7.81 -25.15
C GLY A 172 10.60 6.94 -24.38
N MET A 173 11.18 5.96 -25.07
CA MET A 173 12.15 5.03 -24.50
C MET A 173 13.54 5.65 -24.35
N GLY A 174 13.78 6.76 -25.05
CA GLY A 174 15.09 7.40 -25.03
C GLY A 174 16.12 6.66 -25.86
N ILE A 175 15.66 5.81 -26.77
CA ILE A 175 16.55 5.15 -27.71
C ILE A 175 16.54 5.96 -29.02
N ASP A 176 17.33 5.54 -30.00
CA ASP A 176 17.37 6.22 -31.29
C ASP A 176 15.94 6.40 -31.82
N ALA A 177 15.57 7.64 -32.13
CA ALA A 177 14.23 7.96 -32.65
C ALA A 177 13.78 7.03 -33.80
N ASN A 178 14.74 6.63 -34.62
CA ASN A 178 14.46 5.86 -35.83
C ASN A 178 14.72 4.37 -35.68
N TYR A 179 14.93 3.91 -34.44
CA TYR A 179 15.24 2.49 -34.18
C TYR A 179 14.33 1.50 -34.91
N PHE A 180 13.03 1.73 -34.86
CA PHE A 180 12.08 0.75 -35.42
C PHE A 180 11.95 0.82 -36.94
N ASP A 181 12.43 1.89 -37.58
CA ASP A 181 12.25 2.08 -39.04
C ASP A 181 12.61 0.85 -39.86
N SER A 182 13.81 0.31 -39.64
CA SER A 182 14.31 -0.82 -40.43
C SER A 182 13.63 -2.15 -40.05
N PHE A 183 12.82 -2.12 -38.99
CA PHE A 183 12.05 -3.28 -38.57
C PHE A 183 10.61 -3.24 -39.09
N VAL A 184 10.17 -2.08 -39.58
CA VAL A 184 8.77 -1.92 -40.02
C VAL A 184 8.57 -1.24 -41.38
N ASP A 185 9.66 -0.94 -42.09
CA ASP A 185 9.56 -0.16 -43.35
C ASP A 185 8.92 -0.91 -44.52
N VAL A 186 8.92 -2.24 -44.48
CA VAL A 186 8.33 -3.01 -45.56
C VAL A 186 6.81 -2.85 -45.61
N GLY A 187 6.20 -2.65 -44.45
CA GLY A 187 4.75 -2.45 -44.37
C GLY A 187 4.01 -3.77 -44.51
N ASP A 188 4.50 -4.80 -43.84
CA ASP A 188 3.85 -6.11 -43.86
C ASP A 188 2.59 -6.13 -42.99
N ASN A 189 1.68 -5.20 -43.27
CA ASN A 189 0.52 -4.96 -42.42
C ASN A 189 -0.75 -5.49 -43.04
N ILE A 190 -1.83 -5.53 -42.25
CA ILE A 190 -3.10 -6.07 -42.71
C ILE A 190 -4.26 -5.13 -42.39
N LEU A 191 -4.95 -4.68 -43.43
CA LEU A 191 -6.11 -3.82 -43.31
C LEU A 191 -7.35 -4.70 -43.25
N ARG A 192 -7.94 -4.80 -42.06
CA ARG A 192 -9.14 -5.59 -41.85
C ARG A 192 -10.39 -4.72 -41.77
N LEU A 193 -11.21 -4.76 -42.80
CA LEU A 193 -12.51 -4.11 -42.78
C LEU A 193 -13.48 -5.00 -42.00
N LEU A 194 -14.24 -4.41 -41.09
CA LEU A 194 -15.19 -5.17 -40.28
C LEU A 194 -16.60 -4.61 -40.39
N HIS A 195 -17.55 -5.51 -40.50
CA HIS A 195 -18.95 -5.18 -40.49
C HIS A 195 -19.63 -6.13 -39.54
N TYR A 196 -20.27 -5.56 -38.52
CA TYR A 196 -21.07 -6.32 -37.57
C TYR A 196 -22.53 -6.02 -37.91
N PRO A 197 -23.23 -6.97 -38.56
CA PRO A 197 -24.60 -6.65 -39.04
C PRO A 197 -25.56 -6.24 -37.93
N ALA A 198 -26.59 -5.49 -38.31
CA ALA A 198 -27.71 -5.25 -37.43
C ALA A 198 -28.18 -6.59 -36.89
N VAL A 199 -28.53 -6.62 -35.60
CA VAL A 199 -28.89 -7.86 -34.93
C VAL A 199 -29.90 -7.53 -33.83
N LYS A 200 -30.88 -8.40 -33.63
CA LYS A 200 -31.84 -8.19 -32.55
C LYS A 200 -31.17 -8.49 -31.23
N SER A 201 -31.49 -7.68 -30.23
CA SER A 201 -30.93 -7.82 -28.88
C SER A 201 -31.21 -9.21 -28.31
N GLU A 202 -32.34 -9.80 -28.70
CA GLU A 202 -32.76 -11.12 -28.20
C GLU A 202 -31.86 -12.28 -28.64
N VAL A 203 -31.23 -12.16 -29.81
CA VAL A 203 -30.25 -13.14 -30.26
C VAL A 203 -29.22 -13.42 -29.15
N PHE A 204 -28.86 -12.36 -28.41
CA PHE A 204 -27.93 -12.45 -27.29
C PHE A 204 -28.48 -13.16 -26.05
N LYS A 205 -29.81 -13.27 -25.95
CA LYS A 205 -30.47 -14.04 -24.89
C LYS A 205 -30.70 -15.49 -25.32
N ILE A 206 -31.04 -15.68 -26.60
CA ILE A 206 -31.25 -17.02 -27.17
C ILE A 206 -29.92 -17.79 -27.24
N ASN A 207 -28.84 -17.08 -27.56
CA ASN A 207 -27.49 -17.66 -27.56
C ASN A 207 -26.62 -17.05 -26.44
N PRO A 208 -26.79 -17.52 -25.19
CA PRO A 208 -25.98 -16.88 -24.14
C PRO A 208 -24.48 -17.07 -24.42
N GLY A 209 -23.67 -16.06 -24.08
CA GLY A 209 -22.24 -16.08 -24.41
C GLY A 209 -21.95 -15.62 -25.85
N GLN A 210 -23.01 -15.30 -26.59
CA GLN A 210 -22.92 -14.73 -27.93
C GLN A 210 -22.25 -13.36 -27.93
N VAL A 211 -21.23 -13.17 -28.76
CA VAL A 211 -20.59 -11.85 -28.90
C VAL A 211 -20.50 -11.41 -30.35
N ARG A 212 -20.07 -10.18 -30.55
CA ARG A 212 -19.78 -9.66 -31.88
C ARG A 212 -18.36 -10.02 -32.31
N ALA A 213 -17.41 -9.98 -31.36
CA ALA A 213 -16.05 -10.52 -31.58
C ALA A 213 -15.50 -11.08 -30.28
N GLY A 214 -15.10 -12.35 -30.31
CA GLY A 214 -14.57 -13.03 -29.12
C GLY A 214 -13.32 -12.37 -28.55
N GLU A 215 -13.12 -12.55 -27.25
CA GLU A 215 -11.93 -12.05 -26.56
C GLU A 215 -10.64 -12.61 -27.16
N HIS A 216 -9.63 -11.76 -27.25
CA HIS A 216 -8.37 -12.12 -27.89
C HIS A 216 -7.34 -11.05 -27.60
N THR A 217 -6.09 -11.35 -27.95
CA THR A 217 -5.05 -10.35 -28.03
C THR A 217 -4.65 -10.27 -29.49
N ASP A 218 -4.26 -9.09 -29.95
CA ASP A 218 -3.76 -8.93 -31.29
C ASP A 218 -2.33 -9.46 -31.37
N TYR A 219 -1.89 -9.78 -32.58
CA TYR A 219 -0.64 -10.55 -32.74
C TYR A 219 0.62 -9.72 -32.97
N GLY A 220 0.47 -8.53 -33.54
CA GLY A 220 1.59 -7.81 -34.15
C GLY A 220 2.27 -6.78 -33.28
N SER A 221 2.72 -5.68 -33.89
CA SER A 221 3.38 -4.63 -33.12
C SER A 221 2.31 -3.76 -32.47
N ILE A 222 1.51 -3.11 -33.30
CA ILE A 222 0.35 -2.33 -32.87
C ILE A 222 -0.81 -2.53 -33.83
N THR A 223 -2.01 -2.15 -33.37
CA THR A 223 -3.21 -2.17 -34.18
C THR A 223 -3.83 -0.79 -34.12
N LEU A 224 -4.17 -0.25 -35.29
CA LEU A 224 -4.88 1.02 -35.38
C LEU A 224 -6.34 0.70 -35.54
N LEU A 225 -7.14 0.99 -34.52
CA LEU A 225 -8.55 0.65 -34.56
C LEU A 225 -9.38 1.90 -34.72
N PHE A 226 -10.08 1.96 -35.84
CA PHE A 226 -11.00 3.04 -36.14
C PHE A 226 -12.41 2.48 -35.94
N GLN A 227 -13.15 3.01 -34.97
CA GLN A 227 -14.51 2.55 -34.72
C GLN A 227 -15.51 3.65 -35.00
N ASP A 228 -16.73 3.25 -35.38
CA ASP A 228 -17.83 4.20 -35.51
C ASP A 228 -18.33 4.52 -34.11
N SER A 229 -19.49 5.15 -34.01
CA SER A 229 -20.01 5.61 -32.72
C SER A 229 -20.91 4.60 -32.00
N ARG A 230 -21.08 3.40 -32.57
CA ARG A 230 -22.04 2.42 -32.02
C ARG A 230 -21.69 1.92 -30.61
N GLY A 231 -20.43 1.64 -30.36
CA GLY A 231 -19.99 1.12 -29.06
C GLY A 231 -19.92 -0.40 -29.05
N GLY A 232 -19.45 -0.97 -27.95
CA GLY A 232 -19.33 -2.42 -27.80
C GLY A 232 -17.91 -2.94 -27.62
N LEU A 233 -16.90 -2.19 -28.06
CA LEU A 233 -15.50 -2.56 -27.81
C LEU A 233 -15.24 -2.51 -26.32
N GLN A 234 -14.66 -3.58 -25.76
CA GLN A 234 -14.32 -3.62 -24.34
C GLN A 234 -12.88 -4.08 -24.13
N VAL A 235 -12.25 -3.54 -23.09
CA VAL A 235 -10.86 -3.80 -22.82
C VAL A 235 -10.77 -4.35 -21.39
N LYS A 236 -9.97 -5.39 -21.19
CA LYS A 236 -9.84 -6.01 -19.86
C LYS A 236 -8.97 -5.18 -18.91
N SER A 237 -9.50 -4.87 -17.73
CA SER A 237 -8.78 -4.07 -16.72
C SER A 237 -7.72 -4.88 -15.94
N PRO A 238 -6.81 -4.18 -15.21
CA PRO A 238 -5.88 -4.88 -14.33
C PRO A 238 -6.57 -5.78 -13.32
N ASN A 239 -7.86 -5.53 -13.08
CA ASN A 239 -8.61 -6.30 -12.10
C ASN A 239 -9.42 -7.45 -12.70
N GLY A 240 -9.31 -7.62 -14.02
CA GLY A 240 -9.91 -8.77 -14.69
C GLY A 240 -11.35 -8.58 -15.16
N GLN A 241 -11.76 -7.33 -15.35
CA GLN A 241 -13.12 -7.01 -15.80
C GLN A 241 -13.06 -6.28 -17.12
N PHE A 242 -13.98 -6.60 -18.02
CA PHE A 242 -14.07 -5.91 -19.31
C PHE A 242 -14.74 -4.55 -19.13
N ILE A 243 -14.08 -3.52 -19.65
CA ILE A 243 -14.50 -2.13 -19.46
C ILE A 243 -14.78 -1.53 -20.84
N ASP A 244 -15.86 -0.75 -20.95
CA ASP A 244 -16.26 -0.15 -22.23
C ASP A 244 -15.22 0.85 -22.75
N ALA A 245 -14.80 0.66 -23.99
CA ALA A 245 -13.89 1.59 -24.64
C ALA A 245 -14.75 2.51 -25.50
N THR A 246 -15.37 3.47 -24.85
CA THR A 246 -16.29 4.43 -25.46
C THR A 246 -15.70 5.10 -26.72
N PRO A 247 -16.48 5.13 -27.82
CA PRO A 247 -16.08 5.86 -29.02
C PRO A 247 -15.96 7.35 -28.72
N ILE A 248 -14.87 7.95 -29.19
CA ILE A 248 -14.68 9.39 -29.13
C ILE A 248 -14.44 9.81 -30.57
N GLU A 249 -15.25 10.76 -31.04
CA GLU A 249 -15.25 11.16 -32.44
C GLU A 249 -13.85 11.57 -32.89
N ASN A 250 -13.51 11.16 -34.11
CA ASN A 250 -12.21 11.43 -34.73
C ASN A 250 -11.00 11.05 -33.87
N THR A 251 -11.09 9.90 -33.20
CA THR A 251 -9.93 9.29 -32.57
C THR A 251 -9.65 7.94 -33.20
N VAL A 252 -8.43 7.46 -33.02
CA VAL A 252 -8.03 6.12 -33.37
C VAL A 252 -7.60 5.46 -32.06
N VAL A 253 -8.17 4.30 -31.78
CA VAL A 253 -7.79 3.51 -30.63
C VAL A 253 -6.57 2.70 -31.06
N VAL A 254 -5.48 2.80 -30.31
CA VAL A 254 -4.23 2.12 -30.66
C VAL A 254 -3.82 1.15 -29.55
N ASN A 255 -3.62 -0.11 -29.91
CA ASN A 255 -3.15 -1.09 -28.92
C ASN A 255 -1.90 -1.85 -29.36
N ALA A 256 -1.05 -2.19 -28.39
CA ALA A 256 0.09 -3.03 -28.65
C ALA A 256 -0.35 -4.48 -28.85
N GLY A 257 0.38 -5.18 -29.70
CA GLY A 257 0.15 -6.60 -29.95
C GLY A 257 1.16 -7.50 -29.24
N ASP A 258 0.93 -8.80 -29.35
CA ASP A 258 1.71 -9.81 -28.65
C ASP A 258 3.18 -9.79 -29.03
N LEU A 259 3.47 -9.47 -30.30
CA LEU A 259 4.86 -9.40 -30.75
C LEU A 259 5.60 -8.23 -30.10
N LEU A 260 4.99 -7.05 -30.06
CA LEU A 260 5.58 -5.90 -29.37
C LEU A 260 5.73 -6.16 -27.87
N ALA A 261 4.73 -6.78 -27.26
CA ALA A 261 4.84 -7.17 -25.85
C ALA A 261 6.10 -7.99 -25.62
N ARG A 262 6.29 -9.02 -26.45
CA ARG A 262 7.44 -9.91 -26.34
C ARG A 262 8.74 -9.17 -26.68
N TRP A 263 8.69 -8.40 -27.75
CA TRP A 263 9.79 -7.56 -28.24
C TRP A 263 10.31 -6.65 -27.13
N SER A 264 9.39 -6.11 -26.34
CA SER A 264 9.70 -5.14 -25.32
C SER A 264 10.05 -5.80 -23.99
N ASN A 265 10.28 -7.10 -24.03
CA ASN A 265 10.48 -7.90 -22.83
C ASN A 265 9.38 -7.74 -21.79
N ASP A 266 8.14 -7.63 -22.26
CA ASP A 266 6.98 -7.37 -21.41
C ASP A 266 6.99 -6.05 -20.64
N THR A 267 7.74 -5.04 -21.10
CA THR A 267 7.57 -3.71 -20.51
C THR A 267 6.33 -3.03 -21.12
N ILE A 268 5.93 -3.47 -22.32
CA ILE A 268 4.72 -3.00 -22.99
C ILE A 268 3.65 -4.11 -22.94
N LYS A 269 2.41 -3.73 -22.64
CA LYS A 269 1.30 -4.68 -22.47
C LYS A 269 0.51 -4.91 -23.74
N SER A 270 0.17 -6.17 -23.99
CA SER A 270 -0.79 -6.54 -25.02
C SER A 270 -2.03 -7.04 -24.29
N THR A 271 -3.13 -6.30 -24.44
CA THR A 271 -4.27 -6.42 -23.52
C THR A 271 -5.47 -7.08 -24.21
N VAL A 272 -6.11 -7.98 -23.47
CA VAL A 272 -7.29 -8.70 -23.96
C VAL A 272 -8.46 -7.73 -24.19
N HIS A 273 -9.10 -7.87 -25.34
CA HIS A 273 -10.24 -7.03 -25.71
C HIS A 273 -11.27 -7.85 -26.49
N ARG A 274 -12.49 -7.33 -26.59
CA ARG A 274 -13.56 -8.03 -27.29
C ARG A 274 -14.59 -7.02 -27.76
N VAL A 275 -15.56 -7.46 -28.56
CA VAL A 275 -16.71 -6.63 -28.90
C VAL A 275 -17.99 -7.34 -28.50
N VAL A 276 -18.79 -6.68 -27.66
CA VAL A 276 -20.08 -7.21 -27.23
C VAL A 276 -21.19 -6.27 -27.68
N GLU A 277 -22.42 -6.53 -27.20
CA GLU A 277 -23.53 -5.59 -27.36
C GLU A 277 -23.14 -4.18 -26.95
N PRO A 278 -23.65 -3.19 -27.69
CA PRO A 278 -23.51 -1.82 -27.22
C PRO A 278 -24.11 -1.68 -25.82
N PRO A 279 -23.51 -0.82 -24.96
CA PRO A 279 -24.06 -0.62 -23.60
C PRO A 279 -25.51 -0.13 -23.57
N LYS A 280 -26.00 0.39 -24.70
CA LYS A 280 -27.35 0.96 -24.80
C LYS A 280 -28.46 -0.10 -24.85
N GLN A 281 -29.54 0.15 -24.10
CA GLN A 281 -30.76 -0.64 -24.20
C GLN A 281 -31.50 -0.28 -25.49
N GLU A 282 -31.91 -1.29 -26.25
CA GLU A 282 -32.66 -1.11 -27.50
C GLU A 282 -33.03 -2.49 -28.05
N ASP A 283 -34.15 -2.58 -28.76
CA ASP A 283 -34.63 -3.86 -29.28
C ASP A 283 -33.73 -4.41 -30.38
N VAL A 284 -33.26 -3.52 -31.25
CA VAL A 284 -32.39 -3.89 -32.35
C VAL A 284 -31.12 -3.07 -32.29
N HIS A 285 -29.97 -3.74 -32.41
CA HIS A 285 -28.71 -3.05 -32.52
C HIS A 285 -28.40 -2.79 -33.98
N PRO A 286 -28.20 -1.51 -34.35
CA PRO A 286 -27.84 -1.11 -35.71
C PRO A 286 -26.52 -1.75 -36.16
N PRO A 287 -26.25 -1.77 -37.48
CA PRO A 287 -24.96 -2.26 -37.96
C PRO A 287 -23.80 -1.48 -37.34
N ARG A 288 -22.74 -2.19 -36.97
CA ARG A 288 -21.52 -1.56 -36.46
C ARG A 288 -20.36 -1.75 -37.45
N TYR A 289 -19.68 -0.66 -37.78
CA TYR A 289 -18.51 -0.70 -38.66
C TYR A 289 -17.24 -0.31 -37.90
N SER A 290 -16.19 -1.10 -38.08
CA SER A 290 -14.86 -0.70 -37.62
C SER A 290 -13.83 -1.12 -38.65
N ILE A 291 -12.63 -0.60 -38.49
CA ILE A 291 -11.51 -0.98 -39.33
C ILE A 291 -10.30 -1.17 -38.44
N ALA A 292 -9.76 -2.39 -38.47
CA ALA A 292 -8.58 -2.73 -37.71
C ALA A 292 -7.41 -2.85 -38.68
N TYR A 293 -6.45 -1.94 -38.55
CA TYR A 293 -5.23 -2.05 -39.31
C TYR A 293 -4.14 -2.66 -38.43
N PHE A 294 -3.90 -3.95 -38.65
CA PHE A 294 -2.90 -4.70 -37.91
C PHE A 294 -1.50 -4.38 -38.44
N CYS A 295 -0.68 -3.78 -37.59
CA CYS A 295 0.70 -3.48 -37.95
C CYS A 295 1.62 -4.59 -37.46
N ASN A 296 2.64 -4.89 -38.26
CA ASN A 296 3.59 -5.95 -37.95
C ASN A 296 5.00 -5.51 -38.24
N PRO A 297 5.98 -6.07 -37.50
CA PRO A 297 7.36 -6.00 -37.94
C PRO A 297 7.47 -6.59 -39.35
N ASN A 298 8.49 -6.23 -40.11
CA ASN A 298 8.72 -6.88 -41.39
C ASN A 298 8.76 -8.39 -41.16
N HIS A 299 8.21 -9.17 -42.09
CA HIS A 299 8.18 -10.63 -41.94
C HIS A 299 9.59 -11.23 -41.73
N LYS A 300 10.58 -10.65 -42.41
CA LYS A 300 11.99 -11.04 -42.28
C LYS A 300 12.63 -10.70 -40.91
N SER A 301 12.01 -9.78 -40.17
CA SER A 301 12.55 -9.31 -38.88
C SER A 301 12.74 -10.40 -37.85
N TYR A 302 13.90 -10.34 -37.19
CA TYR A 302 14.19 -11.19 -36.04
C TYR A 302 13.88 -10.41 -34.78
N ILE A 303 13.03 -10.96 -33.93
CA ILE A 303 12.54 -10.24 -32.76
C ILE A 303 13.21 -10.70 -31.47
N GLU A 304 14.00 -9.80 -30.88
CA GLU A 304 14.57 -10.02 -29.55
C GLU A 304 14.54 -8.71 -28.76
N ALA A 305 14.84 -8.79 -27.46
CA ALA A 305 14.60 -7.66 -26.55
C ALA A 305 15.19 -6.33 -27.04
N ILE A 306 14.34 -5.30 -27.09
CA ILE A 306 14.73 -3.93 -27.46
C ILE A 306 15.69 -3.36 -26.41
N PRO A 307 16.73 -2.61 -26.83
CA PRO A 307 17.64 -2.06 -25.81
C PRO A 307 16.95 -1.12 -24.80
N GLY A 308 17.37 -1.21 -23.55
CA GLY A 308 16.79 -0.43 -22.45
C GLY A 308 15.56 -1.03 -21.79
N THR A 309 15.17 -2.25 -22.20
CA THR A 309 13.97 -2.91 -21.64
C THR A 309 14.33 -4.01 -20.63
N TYR A 310 15.62 -4.15 -20.35
CA TYR A 310 16.15 -5.08 -19.37
C TYR A 310 17.55 -4.61 -18.95
N ALA A 311 17.98 -4.98 -17.74
CA ALA A 311 19.30 -4.58 -17.24
C ALA A 311 20.31 -5.72 -17.42
N ALA A 312 20.16 -6.80 -16.66
CA ALA A 312 21.00 -7.98 -16.83
C ALA A 312 20.34 -8.92 -17.84
N GLU A 313 21.16 -9.72 -18.52
CA GLU A 313 20.66 -10.68 -19.52
C GLU A 313 19.65 -11.68 -18.96
N SER A 314 19.81 -12.03 -17.69
CA SER A 314 18.90 -12.98 -17.03
C SER A 314 17.48 -12.44 -16.91
N GLU A 315 17.30 -11.14 -17.14
CA GLU A 315 15.97 -10.54 -17.18
C GLU A 315 15.20 -10.76 -18.51
N ARG A 316 15.92 -11.19 -19.56
CA ARG A 316 15.29 -11.49 -20.85
C ARG A 316 14.39 -12.73 -20.75
N LYS A 317 13.11 -12.53 -21.01
CA LYS A 317 12.12 -13.58 -20.82
C LYS A 317 12.01 -14.54 -22.03
N TYR A 318 12.40 -14.08 -23.22
CA TYR A 318 12.08 -14.80 -24.44
C TYR A 318 13.27 -15.04 -25.36
N GLU A 319 13.28 -16.21 -25.99
CA GLU A 319 14.17 -16.50 -27.11
C GLU A 319 13.77 -15.64 -28.29
N GLY A 320 14.75 -15.25 -29.09
CA GLY A 320 14.51 -14.55 -30.34
C GLY A 320 13.69 -15.40 -31.30
N ILE A 321 12.85 -14.76 -32.10
CA ILE A 321 12.06 -15.46 -33.11
C ILE A 321 11.92 -14.61 -34.37
N ASN A 322 11.72 -15.29 -35.49
CA ASN A 322 11.36 -14.63 -36.73
C ASN A 322 9.91 -14.16 -36.66
N SER A 323 9.71 -12.90 -37.00
CA SER A 323 8.40 -12.25 -36.94
C SER A 323 7.35 -12.93 -37.84
N GLY A 324 7.71 -13.23 -39.09
CA GLY A 324 6.78 -13.80 -40.08
C GLY A 324 6.28 -15.19 -39.68
N LYS A 325 7.21 -16.03 -39.27
CA LYS A 325 6.94 -17.37 -38.78
C LYS A 325 5.98 -17.35 -37.58
N TYR A 326 6.22 -16.45 -36.63
CA TYR A 326 5.34 -16.29 -35.46
C TYR A 326 3.88 -16.02 -35.87
N LEU A 327 3.69 -15.06 -36.76
CA LEU A 327 2.35 -14.64 -37.18
C LEU A 327 1.59 -15.75 -37.88
N VAL A 328 2.26 -16.48 -38.77
CA VAL A 328 1.59 -17.61 -39.46
C VAL A 328 1.14 -18.67 -38.46
N GLN A 329 1.95 -18.92 -37.44
CA GLN A 329 1.57 -19.84 -36.38
C GLN A 329 0.34 -19.35 -35.63
N ARG A 330 0.23 -18.05 -35.36
CA ARG A 330 -0.98 -17.51 -34.73
C ARG A 330 -2.19 -17.62 -35.66
N LEU A 331 -2.00 -17.28 -36.93
CA LEU A 331 -3.08 -17.30 -37.93
C LEU A 331 -3.57 -18.70 -38.29
N ALA A 332 -2.66 -19.67 -38.25
CA ALA A 332 -2.97 -21.03 -38.66
C ALA A 332 -3.56 -21.87 -37.52
N ALA A 333 -3.32 -21.47 -36.28
CA ALA A 333 -3.64 -22.30 -35.10
C ALA A 333 -5.08 -22.80 -35.07
N THR A 334 -6.04 -21.90 -35.31
CA THR A 334 -7.47 -22.27 -35.41
C THR A 334 -7.82 -22.63 -36.85
N MET B 3 -13.18 -12.38 3.91
CA MET B 3 -11.81 -12.06 3.38
C MET B 3 -11.09 -11.10 4.34
N GLU B 4 -9.78 -11.28 4.44
CA GLU B 4 -8.95 -10.41 5.27
C GLU B 4 -8.75 -9.07 4.56
N LYS B 5 -8.37 -8.05 5.33
CA LYS B 5 -7.91 -6.79 4.77
C LYS B 5 -6.66 -7.08 3.92
N ALA B 6 -6.54 -6.40 2.78
CA ALA B 6 -5.42 -6.59 1.85
C ALA B 6 -4.07 -6.36 2.54
N ALA B 7 -3.06 -7.15 2.18
CA ALA B 7 -1.70 -6.95 2.70
C ALA B 7 -1.09 -5.67 2.12
N VAL B 8 -1.49 -5.34 0.90
CA VAL B 8 -1.02 -4.17 0.17
C VAL B 8 -2.18 -3.64 -0.67
N ASN B 9 -2.41 -2.34 -0.62
CA ASN B 9 -3.46 -1.68 -1.40
C ASN B 9 -3.07 -0.25 -1.70
N GLU B 10 -2.43 -0.04 -2.84
CA GLU B 10 -1.83 1.25 -3.17
C GLU B 10 -1.59 1.38 -4.67
N ASP B 11 -1.92 2.54 -5.22
CA ASP B 11 -1.70 2.85 -6.65
C ASP B 11 -2.21 1.75 -7.59
N GLY B 12 -3.36 1.17 -7.26
CA GLY B 12 -3.97 0.13 -8.08
C GLY B 12 -3.38 -1.27 -7.91
N LEU B 13 -2.35 -1.39 -7.09
CA LEU B 13 -1.82 -2.70 -6.73
C LEU B 13 -2.54 -3.22 -5.48
N VAL B 14 -3.21 -4.35 -5.62
CA VAL B 14 -3.88 -5.01 -4.50
C VAL B 14 -3.37 -6.44 -4.34
N ILE B 15 -2.71 -6.68 -3.21
CA ILE B 15 -2.16 -7.99 -2.91
C ILE B 15 -2.97 -8.51 -1.73
N PRO B 16 -3.75 -9.59 -1.95
CA PRO B 16 -4.66 -10.04 -0.90
C PRO B 16 -3.93 -10.78 0.22
N LEU B 17 -4.49 -10.72 1.42
CA LEU B 17 -4.02 -11.56 2.53
C LEU B 17 -4.99 -12.72 2.66
N ILE B 18 -4.46 -13.93 2.55
CA ILE B 18 -5.31 -15.11 2.38
C ILE B 18 -4.96 -16.19 3.40
N ASP B 19 -5.99 -16.67 4.09
CA ASP B 19 -5.83 -17.72 5.09
C ASP B 19 -5.82 -19.07 4.41
N PHE B 20 -4.65 -19.67 4.30
CA PHE B 20 -4.44 -20.88 3.52
C PHE B 20 -5.03 -22.13 4.18
N SER B 21 -5.16 -22.10 5.51
CA SER B 21 -5.79 -23.20 6.24
C SER B 21 -7.26 -23.39 5.86
N LYS B 22 -7.89 -22.32 5.35
CA LYS B 22 -9.25 -22.40 4.82
C LYS B 22 -9.33 -23.10 3.45
N PHE B 23 -8.20 -23.19 2.75
CA PHE B 23 -8.14 -24.03 1.54
C PHE B 23 -7.87 -25.49 1.91
N LEU B 24 -7.04 -25.70 2.93
CA LEU B 24 -6.69 -27.05 3.35
C LEU B 24 -7.72 -27.73 4.27
N GLU B 25 -8.46 -26.94 5.05
CA GLU B 25 -9.33 -27.51 6.10
C GLU B 25 -10.82 -27.17 6.01
N GLY B 26 -11.19 -26.20 5.18
CA GLY B 26 -12.58 -25.74 5.15
C GLY B 26 -13.60 -26.80 4.74
N ASP B 27 -14.87 -26.42 4.75
CA ASP B 27 -15.87 -27.14 3.97
C ASP B 27 -15.59 -26.81 2.50
N GLU B 28 -16.27 -27.48 1.58
CA GLU B 28 -15.99 -27.29 0.16
C GLU B 28 -16.29 -25.89 -0.35
N THR B 29 -17.31 -25.24 0.22
CA THR B 29 -17.68 -23.88 -0.19
C THR B 29 -16.56 -22.90 0.13
N LEU B 30 -16.01 -23.03 1.33
CA LEU B 30 -14.95 -22.15 1.81
C LEU B 30 -13.65 -22.43 1.04
N LYS B 31 -13.39 -23.72 0.77
CA LYS B 31 -12.21 -24.13 0.00
C LYS B 31 -12.22 -23.53 -1.40
N LEU B 32 -13.36 -23.58 -2.07
CA LEU B 32 -13.50 -23.02 -3.41
C LEU B 32 -13.33 -21.50 -3.41
N GLU B 33 -13.89 -20.83 -2.40
CA GLU B 33 -13.79 -19.37 -2.29
C GLU B 33 -12.33 -18.95 -2.10
N THR B 34 -11.61 -19.70 -1.28
CA THR B 34 -10.21 -19.42 -0.98
C THR B 34 -9.34 -19.67 -2.21
N ALA B 35 -9.58 -20.79 -2.87
CA ALA B 35 -8.95 -21.10 -4.15
C ALA B 35 -9.19 -20.01 -5.20
N LYS B 36 -10.44 -19.55 -5.34
CA LYS B 36 -10.77 -18.49 -6.30
C LYS B 36 -10.02 -17.18 -5.99
N ALA B 37 -9.93 -16.84 -4.70
CA ALA B 37 -9.21 -15.64 -4.27
C ALA B 37 -7.70 -15.78 -4.49
N ILE B 38 -7.15 -16.96 -4.24
CA ILE B 38 -5.74 -17.21 -4.51
C ILE B 38 -5.45 -17.01 -6.00
N LEU B 39 -6.22 -17.67 -6.86
CA LEU B 39 -6.07 -17.48 -8.30
C LEU B 39 -6.23 -16.01 -8.71
N HIS B 40 -7.28 -15.34 -8.22
CA HIS B 40 -7.55 -13.93 -8.56
C HIS B 40 -6.36 -13.04 -8.21
N GLY B 41 -5.71 -13.31 -7.08
CA GLY B 41 -4.49 -12.61 -6.71
C GLY B 41 -3.40 -12.76 -7.77
N PHE B 42 -3.13 -14.01 -8.14
CA PHE B 42 -2.14 -14.31 -9.17
C PHE B 42 -2.49 -13.72 -10.54
N GLN B 43 -3.77 -13.66 -10.86
CA GLN B 43 -4.22 -13.13 -12.16
C GLN B 43 -4.17 -11.60 -12.29
N THR B 44 -4.03 -10.90 -11.16
CA THR B 44 -4.10 -9.44 -11.16
C THR B 44 -2.81 -8.82 -10.64
N ALA B 45 -2.47 -9.08 -9.39
CA ALA B 45 -1.24 -8.54 -8.81
C ALA B 45 -0.02 -9.41 -9.14
N GLY B 46 -0.23 -10.73 -9.24
CA GLY B 46 0.85 -11.69 -9.45
C GLY B 46 1.53 -12.10 -8.15
N PHE B 47 0.99 -11.57 -7.05
CA PHE B 47 1.52 -11.69 -5.70
C PHE B 47 0.34 -11.88 -4.74
N ILE B 48 0.49 -12.76 -3.75
CA ILE B 48 -0.44 -12.85 -2.61
C ILE B 48 0.37 -13.02 -1.32
N TYR B 49 -0.24 -12.75 -0.18
CA TYR B 49 0.28 -13.19 1.13
C TYR B 49 -0.58 -14.34 1.61
N LEU B 50 0.07 -15.35 2.17
CA LEU B 50 -0.60 -16.47 2.77
C LEU B 50 -0.37 -16.47 4.28
N LYS B 51 -1.43 -16.61 5.05
CA LYS B 51 -1.31 -16.84 6.49
C LYS B 51 -1.83 -18.24 6.84
N ASN B 52 -1.48 -18.69 8.05
CA ASN B 52 -1.86 -20.02 8.55
C ASN B 52 -1.50 -21.14 7.58
N ILE B 53 -0.25 -21.16 7.15
CA ILE B 53 0.25 -22.24 6.29
C ILE B 53 0.68 -23.41 7.15
N PRO B 54 0.84 -24.60 6.55
CA PRO B 54 1.24 -25.78 7.34
C PRO B 54 2.64 -25.71 8.01
N ILE B 55 3.47 -24.74 7.65
CA ILE B 55 4.80 -24.62 8.28
C ILE B 55 4.70 -23.84 9.60
N GLN B 56 5.25 -24.42 10.67
CA GLN B 56 5.12 -23.86 12.02
C GLN B 56 6.07 -22.69 12.30
N PRO B 57 5.55 -21.64 12.95
CA PRO B 57 6.32 -20.44 13.35
C PRO B 57 7.65 -20.78 14.01
N ASP B 58 7.63 -21.68 15.00
CA ASP B 58 8.81 -22.06 15.77
C ASP B 58 9.94 -22.60 14.91
N PHE B 59 9.60 -23.54 14.03
CA PHE B 59 10.60 -24.11 13.13
C PHE B 59 11.09 -23.05 12.13
N ARG B 60 10.19 -22.19 11.66
CA ARG B 60 10.56 -21.08 10.78
C ARG B 60 11.58 -20.16 11.46
N GLU B 61 11.30 -19.79 12.71
CA GLU B 61 12.26 -19.04 13.54
C GLU B 61 13.60 -19.79 13.61
N HIS B 62 13.54 -21.10 13.82
CA HIS B 62 14.72 -21.96 13.88
C HIS B 62 15.51 -21.97 12.55
N VAL B 63 14.79 -22.03 11.44
CA VAL B 63 15.42 -21.96 10.10
C VAL B 63 16.16 -20.63 9.89
N PHE B 64 15.51 -19.52 10.26
CA PHE B 64 16.14 -18.20 10.14
C PHE B 64 17.41 -18.06 11.01
N ASN B 65 17.37 -18.61 12.23
CA ASN B 65 18.56 -18.62 13.09
C ASN B 65 19.68 -19.45 12.48
N THR B 66 19.32 -20.60 11.92
CA THR B 66 20.28 -21.50 11.29
C THR B 66 20.91 -20.83 10.06
N SER B 67 20.10 -20.08 9.31
CA SER B 67 20.60 -19.30 8.18
C SER B 67 21.60 -18.25 8.65
N ALA B 68 21.25 -17.54 9.71
CA ALA B 68 22.14 -16.55 10.31
C ALA B 68 23.49 -17.16 10.71
N LYS B 69 23.48 -18.36 11.28
CA LYS B 69 24.74 -19.02 11.65
C LYS B 69 25.61 -19.30 10.44
N PHE B 70 24.98 -19.70 9.32
CA PHE B 70 25.74 -19.96 8.12
C PHE B 70 26.45 -18.71 7.64
N PHE B 71 25.74 -17.60 7.59
CA PHE B 71 26.31 -16.36 7.08
C PHE B 71 27.32 -15.74 8.05
N LYS B 72 27.33 -16.21 9.30
CA LYS B 72 28.36 -15.83 10.27
C LYS B 72 29.73 -16.46 10.00
N LEU B 73 29.77 -17.55 9.24
CA LEU B 73 31.03 -18.22 8.90
C LEU B 73 32.05 -17.26 8.30
N PRO B 74 33.36 -17.53 8.52
CA PRO B 74 34.39 -16.76 7.84
C PRO B 74 34.29 -16.86 6.32
N LYS B 75 34.68 -15.79 5.64
CA LYS B 75 34.62 -15.69 4.17
C LYS B 75 35.16 -16.91 3.43
N GLU B 76 36.26 -17.47 3.92
CA GLU B 76 36.95 -18.60 3.27
C GLU B 76 36.10 -19.87 3.29
N LYS B 77 35.43 -20.10 4.42
CA LYS B 77 34.53 -21.26 4.56
C LYS B 77 33.34 -21.16 3.60
N LYS B 78 32.74 -19.97 3.51
CA LYS B 78 31.59 -19.74 2.64
C LYS B 78 31.97 -19.88 1.16
N LEU B 79 33.14 -19.38 0.80
CA LEU B 79 33.63 -19.42 -0.58
C LEU B 79 34.00 -20.84 -1.01
N GLU B 80 34.29 -21.71 -0.05
CA GLU B 80 34.59 -23.12 -0.34
C GLU B 80 33.35 -23.93 -0.72
N VAL B 81 32.16 -23.40 -0.41
CA VAL B 81 30.90 -24.01 -0.83
C VAL B 81 30.23 -23.12 -1.88
N GLY B 82 31.05 -22.59 -2.79
CA GLY B 82 30.64 -21.59 -3.77
C GLY B 82 29.77 -22.09 -4.92
N TRP B 83 28.95 -21.19 -5.43
CA TRP B 83 28.07 -21.44 -6.57
C TRP B 83 28.93 -21.77 -7.79
N THR B 84 28.62 -22.88 -8.48
CA THR B 84 29.44 -23.32 -9.62
C THR B 84 28.81 -22.94 -10.97
N THR B 85 27.88 -23.76 -11.46
CA THR B 85 27.26 -23.56 -12.77
C THR B 85 25.77 -23.19 -12.67
N PRO B 86 25.21 -22.63 -13.76
CA PRO B 86 23.76 -22.44 -13.90
C PRO B 86 22.95 -23.74 -13.83
N GLU B 87 23.50 -24.81 -14.39
CA GLU B 87 22.85 -26.13 -14.35
C GLU B 87 22.77 -26.71 -12.92
N ALA B 88 23.78 -26.46 -12.10
CA ALA B 88 23.77 -26.93 -10.71
C ALA B 88 22.89 -26.01 -9.86
N ASN B 89 23.12 -24.70 -9.99
CA ASN B 89 22.37 -23.66 -9.29
C ASN B 89 22.35 -23.84 -7.76
N ARG B 90 23.49 -24.23 -7.20
CA ARG B 90 23.60 -24.54 -5.78
C ARG B 90 24.88 -23.95 -5.21
N GLY B 91 24.80 -23.49 -3.97
CA GLY B 91 25.96 -23.00 -3.26
C GLY B 91 26.01 -21.50 -3.02
N TYR B 92 27.10 -21.08 -2.38
CA TYR B 92 27.25 -19.73 -1.88
C TYR B 92 27.64 -18.75 -2.97
N SER B 93 27.01 -17.58 -2.94
CA SER B 93 27.38 -16.46 -3.80
C SER B 93 27.49 -15.20 -2.95
N ALA B 94 28.51 -14.39 -3.26
CA ALA B 94 28.77 -13.14 -2.54
C ALA B 94 28.65 -11.96 -3.51
N PRO B 95 28.57 -10.72 -2.99
CA PRO B 95 28.35 -9.55 -3.86
C PRO B 95 29.34 -9.42 -5.01
N ASP B 118 24.28 -5.22 -5.97
CA ASP B 118 23.42 -5.77 -4.92
C ASP B 118 24.22 -6.07 -3.65
N ILE B 119 23.82 -5.47 -2.53
CA ILE B 119 24.50 -5.65 -1.24
C ILE B 119 23.86 -6.83 -0.50
N LYS B 120 24.18 -8.04 -0.97
CA LYS B 120 23.60 -9.27 -0.45
C LYS B 120 24.55 -10.44 -0.70
N GLU B 121 24.41 -11.45 0.14
CA GLU B 121 25.05 -12.75 -0.10
C GLU B 121 23.94 -13.77 -0.04
N SER B 122 24.17 -14.93 -0.67
CA SER B 122 23.18 -15.99 -0.65
C SER B 122 23.80 -17.37 -0.70
N TYR B 123 22.99 -18.35 -0.28
CA TYR B 123 23.36 -19.75 -0.33
C TYR B 123 22.16 -20.53 -0.84
N GLU B 124 22.38 -21.31 -1.89
CA GLU B 124 21.30 -22.06 -2.53
C GLU B 124 21.40 -23.57 -2.39
N ILE B 125 20.27 -24.18 -2.06
CA ILE B 125 20.12 -25.60 -1.79
C ILE B 125 19.07 -26.17 -2.73
N GLY B 126 19.36 -27.32 -3.32
CA GLY B 126 18.43 -28.05 -4.20
C GLY B 126 18.03 -29.37 -3.57
N ARG B 127 17.31 -30.20 -4.31
CA ARG B 127 17.01 -31.56 -3.82
C ARG B 127 18.30 -32.39 -3.74
N GLU B 128 18.29 -33.38 -2.86
CA GLU B 128 19.48 -34.15 -2.48
C GLU B 128 19.86 -35.27 -3.45
N ASP B 129 18.97 -35.63 -4.36
CA ASP B 129 19.16 -36.85 -5.15
C ASP B 129 19.40 -36.60 -6.65
N GLU B 130 19.79 -35.38 -7.01
CA GLU B 130 19.95 -35.02 -8.43
C GLU B 130 21.31 -35.45 -8.97
N PRO B 131 21.32 -36.35 -9.98
CA PRO B 131 22.56 -36.89 -10.52
C PRO B 131 23.50 -35.80 -11.03
N GLY B 132 24.73 -35.79 -10.52
CA GLY B 132 25.74 -34.82 -10.92
C GLY B 132 25.61 -33.43 -10.32
N HIS B 133 24.63 -33.22 -9.45
CA HIS B 133 24.44 -31.90 -8.83
C HIS B 133 24.23 -32.00 -7.32
N PRO B 134 25.28 -32.43 -6.59
CA PRO B 134 25.16 -32.50 -5.13
C PRO B 134 25.14 -31.11 -4.48
N ASN B 135 24.44 -30.96 -3.36
CA ASN B 135 24.49 -29.74 -2.57
C ASN B 135 25.85 -29.63 -1.89
N PRO B 136 26.58 -28.52 -2.11
CA PRO B 136 27.85 -28.33 -1.42
C PRO B 136 27.62 -27.89 0.03
N TRP B 137 27.41 -28.86 0.90
CA TRP B 137 27.18 -28.58 2.33
C TRP B 137 28.46 -28.14 3.03
N PRO B 138 28.33 -27.17 3.96
CA PRO B 138 29.47 -26.79 4.80
C PRO B 138 29.71 -27.84 5.88
N ALA B 139 30.89 -27.79 6.50
CA ALA B 139 31.24 -28.76 7.56
C ALA B 139 30.30 -28.66 8.76
N GLU B 140 29.87 -29.82 9.26
CA GLU B 140 28.97 -29.88 10.42
C GLU B 140 29.77 -29.80 11.74
N GLN B 141 30.24 -28.59 12.07
CA GLN B 141 30.97 -28.35 13.31
C GLN B 141 30.54 -27.01 13.91
N ASP B 142 30.73 -26.89 15.22
CA ASP B 142 30.32 -25.69 15.97
C ASP B 142 28.80 -25.42 15.85
N ASP B 143 28.44 -24.21 15.44
CA ASP B 143 27.04 -23.78 15.36
C ASP B 143 26.34 -24.36 14.13
N LEU B 144 27.13 -24.83 13.17
CA LEU B 144 26.59 -25.41 11.93
C LEU B 144 26.22 -26.89 12.08
N VAL B 145 26.29 -27.41 13.30
CA VAL B 145 25.78 -28.75 13.59
C VAL B 145 24.26 -28.73 13.46
N GLY B 146 23.72 -29.60 12.62
CA GLY B 146 22.29 -29.64 12.35
C GLY B 146 21.85 -28.73 11.21
N PHE B 147 22.80 -28.13 10.49
CA PHE B 147 22.48 -27.21 9.38
C PHE B 147 21.81 -27.96 8.23
N LYS B 148 22.38 -29.10 7.85
CA LYS B 148 21.90 -29.86 6.70
C LYS B 148 20.48 -30.39 6.93
N SER B 149 20.24 -31.03 8.07
CA SER B 149 18.93 -31.62 8.29
C SER B 149 17.85 -30.55 8.52
N THR B 150 18.21 -29.44 9.16
CA THR B 150 17.31 -28.28 9.27
C THR B 150 16.84 -27.81 7.88
N MET B 151 17.79 -27.59 6.97
CA MET B 151 17.48 -27.07 5.63
C MET B 151 16.74 -28.06 4.74
N ASN B 152 17.15 -29.33 4.78
CA ASN B 152 16.45 -30.40 4.03
C ASN B 152 15.00 -30.60 4.50
N ASN B 153 14.78 -30.45 5.80
CA ASN B 153 13.41 -30.49 6.36
C ASN B 153 12.59 -29.34 5.82
N PHE B 154 13.13 -28.13 5.93
CA PHE B 154 12.46 -26.94 5.42
C PHE B 154 12.25 -27.02 3.90
N PHE B 155 13.25 -27.55 3.19
CA PHE B 155 13.12 -27.76 1.74
C PHE B 155 11.91 -28.62 1.43
N ASP B 156 11.79 -29.72 2.17
CA ASP B 156 10.70 -30.66 1.97
C ASP B 156 9.31 -30.11 2.33
N GLN B 157 9.23 -29.29 3.38
CA GLN B 157 7.95 -28.67 3.74
C GLN B 157 7.54 -27.58 2.73
N CYS B 158 8.51 -26.93 2.11
CA CYS B 158 8.22 -25.93 1.08
C CYS B 158 7.80 -26.65 -0.21
N LYS B 159 8.39 -27.83 -0.44
CA LYS B 159 8.02 -28.70 -1.56
C LYS B 159 6.55 -29.12 -1.49
N ALA B 160 6.08 -29.50 -0.29
CA ALA B 160 4.66 -29.85 -0.09
C ALA B 160 3.75 -28.63 -0.26
N LEU B 161 4.18 -27.49 0.27
CA LEU B 161 3.39 -26.27 0.16
C LEU B 161 3.19 -25.83 -1.30
N HIS B 162 4.23 -26.00 -2.12
CA HIS B 162 4.17 -25.73 -3.56
C HIS B 162 3.05 -26.51 -4.21
N ILE B 163 3.08 -27.82 -4.00
CA ILE B 163 2.04 -28.71 -4.52
C ILE B 163 0.65 -28.21 -4.12
N GLU B 164 0.47 -27.81 -2.86
CA GLU B 164 -0.83 -27.35 -2.38
C GLU B 164 -1.26 -26.01 -3.01
N VAL B 165 -0.31 -25.10 -3.21
CA VAL B 165 -0.63 -23.83 -3.88
C VAL B 165 -1.09 -24.06 -5.33
N MET B 166 -0.41 -24.96 -6.03
CA MET B 166 -0.81 -25.30 -7.41
C MET B 166 -2.19 -25.95 -7.45
N ARG B 167 -2.49 -26.80 -6.48
CA ARG B 167 -3.82 -27.40 -6.37
C ARG B 167 -4.88 -26.31 -6.20
N ALA B 168 -4.57 -25.29 -5.41
CA ALA B 168 -5.48 -24.15 -5.22
C ALA B 168 -5.67 -23.39 -6.52
N ILE B 169 -4.59 -23.24 -7.29
CA ILE B 169 -4.68 -22.63 -8.62
C ILE B 169 -5.58 -23.47 -9.53
N ALA B 170 -5.36 -24.79 -9.54
CA ALA B 170 -6.19 -25.69 -10.33
C ALA B 170 -7.68 -25.60 -9.95
N VAL B 171 -7.98 -25.65 -8.66
CA VAL B 171 -9.37 -25.52 -8.17
C VAL B 171 -9.96 -24.17 -8.56
N GLY B 172 -9.19 -23.10 -8.38
CA GLY B 172 -9.64 -21.76 -8.75
C GLY B 172 -9.94 -21.64 -10.24
N MET B 173 -9.17 -22.35 -11.05
CA MET B 173 -9.35 -22.39 -12.51
C MET B 173 -10.55 -23.25 -12.91
N GLY B 174 -10.98 -24.12 -12.02
CA GLY B 174 -12.06 -25.05 -12.34
C GLY B 174 -11.61 -26.15 -13.28
N ILE B 175 -10.37 -26.59 -13.12
CA ILE B 175 -9.86 -27.80 -13.79
C ILE B 175 -9.61 -28.86 -12.71
N ASP B 176 -9.21 -30.06 -13.11
CA ASP B 176 -8.92 -31.13 -12.14
C ASP B 176 -7.96 -30.61 -11.05
N ALA B 177 -8.34 -30.80 -9.78
CA ALA B 177 -7.56 -30.30 -8.64
C ALA B 177 -6.11 -30.77 -8.66
N ASN B 178 -5.87 -31.93 -9.26
CA ASN B 178 -4.54 -32.54 -9.29
C ASN B 178 -3.79 -32.38 -10.61
N TYR B 179 -4.27 -31.48 -11.48
CA TYR B 179 -3.62 -31.22 -12.76
C TYR B 179 -2.10 -31.00 -12.70
N PHE B 180 -1.64 -30.18 -11.76
CA PHE B 180 -0.21 -29.83 -11.70
C PHE B 180 0.66 -30.93 -11.07
N ASP B 181 0.06 -31.90 -10.39
CA ASP B 181 0.83 -32.91 -9.66
C ASP B 181 1.93 -33.59 -10.49
N SER B 182 1.57 -34.09 -11.68
CA SER B 182 2.54 -34.78 -12.55
C SER B 182 3.59 -33.84 -13.18
N PHE B 183 3.36 -32.53 -13.09
CA PHE B 183 4.30 -31.53 -13.60
C PHE B 183 5.31 -31.04 -12.57
N VAL B 184 4.98 -31.20 -11.29
CA VAL B 184 5.83 -30.69 -10.21
C VAL B 184 6.34 -31.76 -9.24
N ASP B 185 5.97 -33.03 -9.46
CA ASP B 185 6.22 -34.09 -8.46
C ASP B 185 7.70 -34.35 -8.11
N VAL B 186 8.63 -34.02 -9.00
CA VAL B 186 10.05 -34.23 -8.75
C VAL B 186 10.59 -33.28 -7.68
N GLY B 187 10.08 -32.06 -7.65
CA GLY B 187 10.58 -31.05 -6.72
C GLY B 187 11.90 -30.46 -7.16
N ASP B 188 11.95 -30.02 -8.43
CA ASP B 188 13.14 -29.34 -8.98
C ASP B 188 13.18 -27.87 -8.55
N ASN B 189 13.22 -27.68 -7.23
CA ASN B 189 13.09 -26.38 -6.59
C ASN B 189 14.43 -25.95 -6.01
N ILE B 190 14.56 -24.65 -5.75
CA ILE B 190 15.78 -24.11 -5.15
C ILE B 190 15.43 -23.28 -3.92
N LEU B 191 16.02 -23.67 -2.80
CA LEU B 191 15.90 -22.93 -1.55
C LEU B 191 17.08 -21.96 -1.47
N ARG B 192 16.76 -20.66 -1.57
CA ARG B 192 17.77 -19.60 -1.46
C ARG B 192 17.69 -18.86 -0.12
N LEU B 193 18.74 -19.00 0.69
CA LEU B 193 18.88 -18.25 1.92
C LEU B 193 19.51 -16.91 1.56
N LEU B 194 18.92 -15.81 2.01
CA LEU B 194 19.47 -14.48 1.75
C LEU B 194 19.87 -13.74 3.02
N HIS B 195 20.99 -13.04 2.92
CA HIS B 195 21.46 -12.14 3.96
C HIS B 195 21.85 -10.82 3.33
N TYR B 196 21.18 -9.76 3.76
CA TYR B 196 21.54 -8.41 3.33
C TYR B 196 22.23 -7.76 4.51
N PRO B 197 23.57 -7.55 4.42
CA PRO B 197 24.29 -7.02 5.57
C PRO B 197 23.81 -5.65 6.00
N ALA B 198 24.08 -5.31 7.26
CA ALA B 198 23.86 -3.96 7.77
C ALA B 198 24.52 -2.95 6.83
N VAL B 199 23.79 -1.87 6.55
CA VAL B 199 24.21 -0.89 5.57
C VAL B 199 23.80 0.51 6.03
N LYS B 200 24.72 1.46 5.93
CA LYS B 200 24.44 2.85 6.29
C LYS B 200 23.51 3.43 5.24
N SER B 201 22.51 4.20 5.68
CA SER B 201 21.55 4.80 4.74
C SER B 201 22.20 5.80 3.77
N GLU B 202 23.34 6.38 4.17
CA GLU B 202 24.12 7.27 3.30
C GLU B 202 24.58 6.58 2.01
N VAL B 203 24.95 5.30 2.11
CA VAL B 203 25.33 4.48 0.93
C VAL B 203 24.28 4.57 -0.19
N PHE B 204 23.01 4.68 0.18
CA PHE B 204 21.92 4.82 -0.80
C PHE B 204 21.71 6.26 -1.25
N LYS B 205 21.92 7.21 -0.33
CA LYS B 205 21.69 8.63 -0.63
C LYS B 205 22.68 9.16 -1.68
N ILE B 206 23.94 8.74 -1.55
CA ILE B 206 24.99 9.17 -2.47
C ILE B 206 24.96 8.39 -3.79
N ASN B 207 24.04 7.44 -3.90
CA ASN B 207 23.88 6.65 -5.11
C ASN B 207 22.44 6.17 -5.30
N PRO B 208 21.66 6.91 -6.11
CA PRO B 208 20.26 6.56 -6.41
C PRO B 208 20.10 5.15 -7.02
N GLY B 209 21.11 4.70 -7.76
CA GLY B 209 21.08 3.39 -8.41
C GLY B 209 21.19 2.21 -7.46
N GLN B 210 21.59 2.48 -6.22
CA GLN B 210 21.85 1.43 -5.23
C GLN B 210 20.57 0.77 -4.74
N VAL B 211 20.53 -0.55 -4.82
CA VAL B 211 19.44 -1.35 -4.24
C VAL B 211 20.04 -2.49 -3.44
N ARG B 212 19.20 -3.12 -2.61
CA ARG B 212 19.58 -4.36 -1.93
C ARG B 212 19.40 -5.57 -2.85
N ALA B 213 18.35 -5.55 -3.67
CA ALA B 213 18.15 -6.57 -4.69
C ALA B 213 17.54 -5.91 -5.92
N GLY B 214 18.23 -6.02 -7.05
CA GLY B 214 17.82 -5.33 -8.28
C GLY B 214 16.50 -5.86 -8.80
N GLU B 215 15.76 -5.01 -9.50
CA GLU B 215 14.48 -5.43 -10.06
C GLU B 215 14.61 -6.55 -11.06
N HIS B 216 13.61 -7.42 -11.05
CA HIS B 216 13.60 -8.63 -11.83
C HIS B 216 12.24 -9.27 -11.64
N THR B 217 12.03 -10.32 -12.41
CA THR B 217 10.94 -11.25 -12.20
C THR B 217 11.56 -12.62 -11.94
N ASP B 218 10.85 -13.47 -11.22
CA ASP B 218 11.32 -14.81 -10.94
C ASP B 218 11.09 -15.69 -12.13
N TYR B 219 11.84 -16.78 -12.22
CA TYR B 219 11.86 -17.57 -13.44
C TYR B 219 10.82 -18.66 -13.50
N GLY B 220 10.40 -19.16 -12.34
CA GLY B 220 9.71 -20.44 -12.25
C GLY B 220 8.20 -20.46 -12.27
N SER B 221 7.62 -21.38 -11.52
CA SER B 221 6.18 -21.43 -11.36
C SER B 221 5.71 -20.49 -10.24
N ILE B 222 6.11 -20.74 -9.00
CA ILE B 222 5.86 -19.78 -7.92
C ILE B 222 7.10 -19.65 -7.04
N THR B 223 7.14 -18.57 -6.26
CA THR B 223 8.21 -18.38 -5.29
C THR B 223 7.56 -18.21 -3.92
N LEU B 224 8.09 -18.94 -2.95
CA LEU B 224 7.69 -18.77 -1.56
C LEU B 224 8.72 -17.89 -0.87
N LEU B 225 8.29 -16.70 -0.48
CA LEU B 225 9.21 -15.74 0.11
C LEU B 225 8.88 -15.49 1.58
N PHE B 226 9.83 -15.89 2.42
CA PHE B 226 9.77 -15.68 3.86
C PHE B 226 10.68 -14.53 4.18
N GLN B 227 10.10 -13.44 4.66
CA GLN B 227 10.89 -12.26 5.02
C GLN B 227 10.80 -11.98 6.51
N ASP B 228 11.87 -11.39 7.05
CA ASP B 228 11.88 -10.90 8.44
C ASP B 228 11.11 -9.57 8.48
N SER B 229 11.15 -8.87 9.61
CA SER B 229 10.35 -7.65 9.77
C SER B 229 11.05 -6.36 9.31
N ARG B 230 12.24 -6.47 8.73
CA ARG B 230 13.03 -5.31 8.30
C ARG B 230 12.34 -4.43 7.27
N GLY B 231 11.70 -5.04 6.28
CA GLY B 231 11.05 -4.28 5.21
C GLY B 231 12.01 -4.05 4.05
N GLY B 232 11.52 -3.43 2.98
CA GLY B 232 12.36 -3.15 1.80
C GLY B 232 11.93 -3.84 0.52
N LEU B 233 11.11 -4.87 0.63
CA LEU B 233 10.60 -5.55 -0.55
C LEU B 233 9.55 -4.64 -1.20
N GLN B 234 9.67 -4.44 -2.51
CA GLN B 234 8.69 -3.65 -3.26
C GLN B 234 8.24 -4.38 -4.52
N VAL B 235 7.00 -4.10 -4.92
CA VAL B 235 6.34 -4.78 -6.02
C VAL B 235 5.80 -3.72 -6.97
N LYS B 236 6.03 -3.89 -8.26
CA LYS B 236 5.65 -2.86 -9.23
C LYS B 236 4.14 -2.90 -9.48
N SER B 237 3.48 -1.75 -9.30
CA SER B 237 2.04 -1.64 -9.55
C SER B 237 1.73 -1.67 -11.06
N PRO B 238 0.49 -1.98 -11.45
CA PRO B 238 0.15 -1.90 -12.88
C PRO B 238 0.36 -0.52 -13.49
N ASN B 239 0.52 0.50 -12.65
CA ASN B 239 0.71 1.87 -13.13
C ASN B 239 2.17 2.30 -13.25
N GLY B 240 3.10 1.43 -12.85
CA GLY B 240 4.52 1.67 -13.06
C GLY B 240 5.29 2.11 -11.82
N GLN B 241 4.66 2.06 -10.65
CA GLN B 241 5.30 2.50 -9.41
C GLN B 241 5.57 1.35 -8.44
N PHE B 242 6.76 1.36 -7.86
CA PHE B 242 7.16 0.35 -6.90
C PHE B 242 6.51 0.62 -5.53
N ILE B 243 5.74 -0.36 -5.06
CA ILE B 243 4.95 -0.26 -3.82
C ILE B 243 5.56 -1.16 -2.75
N ASP B 244 5.69 -0.64 -1.53
CA ASP B 244 6.21 -1.41 -0.40
C ASP B 244 5.34 -2.63 -0.09
N ALA B 245 5.97 -3.79 0.00
CA ALA B 245 5.30 -5.01 0.44
C ALA B 245 5.64 -5.22 1.91
N THR B 246 4.84 -4.63 2.79
CA THR B 246 5.11 -4.60 4.22
C THR B 246 5.15 -6.02 4.82
N PRO B 247 6.18 -6.30 5.64
CA PRO B 247 6.22 -7.60 6.31
C PRO B 247 5.03 -7.78 7.24
N ILE B 248 4.42 -8.95 7.21
CA ILE B 248 3.37 -9.31 8.17
C ILE B 248 3.87 -10.59 8.83
N GLU B 249 4.02 -10.54 10.15
CA GLU B 249 4.51 -11.66 10.92
C GLU B 249 3.79 -12.96 10.54
N ASN B 250 4.56 -14.03 10.43
CA ASN B 250 4.04 -15.37 10.10
C ASN B 250 3.23 -15.45 8.81
N THR B 251 3.59 -14.61 7.82
CA THR B 251 3.07 -14.79 6.47
C THR B 251 4.16 -15.27 5.54
N VAL B 252 3.74 -15.79 4.40
CA VAL B 252 4.64 -16.07 3.30
C VAL B 252 4.11 -15.29 2.10
N VAL B 253 5.01 -14.55 1.47
CA VAL B 253 4.67 -13.81 0.28
C VAL B 253 4.86 -14.76 -0.89
N VAL B 254 3.85 -14.90 -1.74
CA VAL B 254 3.90 -15.84 -2.85
C VAL B 254 3.65 -15.13 -4.18
N ASN B 255 4.58 -15.30 -5.12
CA ASN B 255 4.43 -14.71 -6.45
C ASN B 255 4.63 -15.74 -7.54
N ALA B 256 3.89 -15.57 -8.62
CA ALA B 256 4.07 -16.41 -9.80
C ALA B 256 5.36 -16.03 -10.51
N GLY B 257 5.99 -17.00 -11.17
CA GLY B 257 7.20 -16.76 -11.95
C GLY B 257 6.91 -16.72 -13.44
N ASP B 258 7.94 -16.43 -14.22
CA ASP B 258 7.82 -16.26 -15.67
C ASP B 258 7.37 -17.52 -16.39
N LEU B 259 7.78 -18.69 -15.91
CA LEU B 259 7.31 -19.95 -16.50
C LEU B 259 5.81 -20.17 -16.32
N LEU B 260 5.30 -19.89 -15.12
CA LEU B 260 3.85 -19.96 -14.89
C LEU B 260 3.06 -18.89 -15.68
N ALA B 261 3.60 -17.68 -15.77
CA ALA B 261 2.99 -16.66 -16.62
C ALA B 261 2.78 -17.21 -18.04
N ARG B 262 3.85 -17.71 -18.63
CA ARG B 262 3.82 -18.32 -19.95
C ARG B 262 2.87 -19.53 -20.04
N TRP B 263 3.02 -20.44 -19.07
CA TRP B 263 2.26 -21.68 -18.96
C TRP B 263 0.77 -21.38 -18.93
N SER B 264 0.41 -20.27 -18.28
CA SER B 264 -0.98 -19.88 -18.12
C SER B 264 -1.51 -19.02 -19.28
N ASN B 265 -0.75 -18.94 -20.38
CA ASN B 265 -1.09 -18.07 -21.52
C ASN B 265 -1.28 -16.60 -21.09
N ASP B 266 -0.44 -16.17 -20.16
CA ASP B 266 -0.52 -14.82 -19.55
C ASP B 266 -1.85 -14.49 -18.86
N THR B 267 -2.57 -15.50 -18.37
CA THR B 267 -3.73 -15.21 -17.52
C THR B 267 -3.24 -14.95 -16.08
N ILE B 268 -2.06 -15.50 -15.74
CA ILE B 268 -1.41 -15.26 -14.45
C ILE B 268 -0.23 -14.33 -14.69
N LYS B 269 -0.03 -13.38 -13.77
CA LYS B 269 0.99 -12.35 -13.90
C LYS B 269 2.26 -12.72 -13.15
N SER B 270 3.41 -12.44 -13.77
CA SER B 270 4.69 -12.50 -13.11
C SER B 270 5.13 -11.06 -12.99
N THR B 271 5.22 -10.58 -11.75
CA THR B 271 5.36 -9.16 -11.50
C THR B 271 6.78 -8.76 -11.13
N VAL B 272 7.21 -7.61 -11.64
CA VAL B 272 8.53 -7.08 -11.33
C VAL B 272 8.60 -6.67 -9.87
N HIS B 273 9.66 -7.09 -9.19
CA HIS B 273 9.87 -6.75 -7.79
C HIS B 273 11.35 -6.48 -7.51
N ARG B 274 11.62 -5.89 -6.35
CA ARG B 274 12.98 -5.51 -5.96
C ARG B 274 13.04 -5.32 -4.44
N VAL B 275 14.25 -5.19 -3.91
CA VAL B 275 14.44 -4.88 -2.49
C VAL B 275 15.27 -3.61 -2.39
N VAL B 276 14.70 -2.57 -1.79
CA VAL B 276 15.44 -1.31 -1.55
C VAL B 276 15.62 -1.08 -0.05
N GLU B 277 16.05 0.12 0.31
CA GLU B 277 16.07 0.58 1.69
C GLU B 277 14.77 0.32 2.42
N PRO B 278 14.84 -0.09 3.70
CA PRO B 278 13.62 -0.12 4.49
C PRO B 278 12.99 1.27 4.56
N PRO B 279 11.65 1.36 4.56
CA PRO B 279 10.99 2.67 4.69
C PRO B 279 11.41 3.46 5.95
N LYS B 280 11.68 2.74 7.04
CA LYS B 280 12.06 3.36 8.32
C LYS B 280 13.34 4.19 8.19
N GLN B 281 13.28 5.45 8.65
CA GLN B 281 14.43 6.36 8.65
C GLN B 281 15.38 6.02 9.79
N GLU B 282 16.64 5.79 9.47
CA GLU B 282 17.65 5.45 10.47
C GLU B 282 19.06 5.59 9.89
N ASP B 283 20.02 5.84 10.78
CA ASP B 283 21.44 5.95 10.39
C ASP B 283 21.93 4.68 9.70
N VAL B 284 21.67 3.55 10.34
CA VAL B 284 22.14 2.25 9.88
C VAL B 284 20.98 1.28 9.77
N HIS B 285 20.76 0.76 8.56
CA HIS B 285 19.78 -0.29 8.35
C HIS B 285 20.37 -1.62 8.79
N PRO B 286 19.77 -2.24 9.83
CA PRO B 286 20.27 -3.50 10.36
C PRO B 286 20.23 -4.63 9.31
N PRO B 287 20.96 -5.72 9.56
CA PRO B 287 20.93 -6.83 8.59
C PRO B 287 19.53 -7.36 8.34
N ARG B 288 19.25 -7.74 7.10
CA ARG B 288 17.96 -8.29 6.73
C ARG B 288 18.10 -9.71 6.24
N TYR B 289 17.25 -10.58 6.73
CA TYR B 289 17.22 -11.98 6.34
C TYR B 289 15.94 -12.27 5.60
N SER B 290 16.05 -12.98 4.49
CA SER B 290 14.90 -13.57 3.85
C SER B 290 15.24 -14.93 3.25
N ILE B 291 14.20 -15.68 2.92
CA ILE B 291 14.36 -16.97 2.29
C ILE B 291 13.39 -17.06 1.12
N ALA B 292 13.95 -17.27 -0.07
CA ALA B 292 13.17 -17.43 -1.29
C ALA B 292 13.24 -18.88 -1.71
N TYR B 293 12.09 -19.55 -1.71
CA TYR B 293 12.03 -20.92 -2.21
C TYR B 293 11.44 -20.89 -3.62
N PHE B 294 12.31 -21.01 -4.62
CA PHE B 294 11.91 -20.94 -6.02
C PHE B 294 11.35 -22.27 -6.45
N CYS B 295 10.07 -22.30 -6.77
CA CYS B 295 9.42 -23.52 -7.24
C CYS B 295 9.47 -23.54 -8.76
N ASN B 296 9.72 -24.73 -9.31
CA ASN B 296 9.80 -24.93 -10.74
C ASN B 296 9.05 -26.21 -11.10
N PRO B 297 8.49 -26.28 -12.32
CA PRO B 297 8.05 -27.56 -12.85
C PRO B 297 9.23 -28.50 -12.99
N ASN B 298 8.96 -29.79 -13.06
CA ASN B 298 10.00 -30.79 -13.33
C ASN B 298 10.83 -30.40 -14.54
N HIS B 299 12.14 -30.62 -14.48
CA HIS B 299 13.04 -30.34 -15.62
C HIS B 299 12.57 -30.99 -16.93
N LYS B 300 12.01 -32.19 -16.81
CA LYS B 300 11.52 -32.94 -17.97
C LYS B 300 10.17 -32.43 -18.49
N SER B 301 9.45 -31.68 -17.65
CA SER B 301 8.14 -31.15 -18.02
C SER B 301 8.17 -30.32 -19.30
N TYR B 302 7.16 -30.53 -20.14
CA TYR B 302 6.97 -29.75 -21.35
C TYR B 302 5.86 -28.74 -21.06
N ILE B 303 6.14 -27.47 -21.35
CA ILE B 303 5.25 -26.39 -20.95
C ILE B 303 4.53 -25.78 -22.14
N GLU B 304 3.22 -25.98 -22.18
CA GLU B 304 2.35 -25.24 -23.10
C GLU B 304 1.02 -24.95 -22.43
N ALA B 305 0.20 -24.14 -23.10
CA ALA B 305 -0.96 -23.53 -22.47
C ALA B 305 -1.83 -24.49 -21.65
N ILE B 306 -2.03 -24.15 -20.39
CA ILE B 306 -2.92 -24.84 -19.47
C ILE B 306 -4.36 -24.82 -20.03
N PRO B 307 -5.05 -25.97 -20.05
CA PRO B 307 -6.42 -26.00 -20.58
C PRO B 307 -7.32 -25.02 -19.82
N GLY B 308 -8.20 -24.33 -20.54
CA GLY B 308 -9.04 -23.30 -19.95
C GLY B 308 -8.46 -21.89 -19.94
N THR B 309 -7.20 -21.72 -20.36
CA THR B 309 -6.60 -20.37 -20.39
C THR B 309 -6.67 -19.71 -21.78
N TYR B 310 -7.42 -20.32 -22.67
CA TYR B 310 -7.67 -19.79 -24.02
C TYR B 310 -8.90 -20.50 -24.57
N ALA B 311 -9.57 -19.87 -25.52
CA ALA B 311 -10.70 -20.49 -26.21
C ALA B 311 -10.23 -21.09 -27.54
N ALA B 312 -10.03 -20.25 -28.55
CA ALA B 312 -9.50 -20.73 -29.82
C ALA B 312 -7.98 -20.88 -29.73
N GLU B 313 -7.45 -21.78 -30.55
CA GLU B 313 -6.02 -22.08 -30.57
C GLU B 313 -5.20 -20.84 -30.93
N SER B 314 -5.77 -19.96 -31.75
CA SER B 314 -5.08 -18.74 -32.15
C SER B 314 -4.82 -17.78 -30.98
N GLU B 315 -5.53 -17.96 -29.86
CA GLU B 315 -5.26 -17.18 -28.63
C GLU B 315 -4.01 -17.62 -27.88
N ARG B 316 -3.43 -18.75 -28.26
CA ARG B 316 -2.19 -19.21 -27.62
C ARG B 316 -0.98 -18.41 -28.07
N LYS B 317 -0.38 -17.71 -27.11
CA LYS B 317 0.69 -16.76 -27.38
C LYS B 317 2.07 -17.39 -27.58
N TYR B 318 2.31 -18.57 -27.01
CA TYR B 318 3.65 -19.14 -26.92
C TYR B 318 3.76 -20.55 -27.47
N GLU B 319 4.88 -20.83 -28.13
CA GLU B 319 5.26 -22.20 -28.48
C GLU B 319 5.64 -22.94 -27.18
N GLY B 320 5.44 -24.25 -27.18
CA GLY B 320 5.83 -25.07 -26.03
C GLY B 320 7.35 -25.05 -25.84
N ILE B 321 7.79 -25.19 -24.58
CA ILE B 321 9.22 -25.30 -24.24
C ILE B 321 9.42 -26.34 -23.17
N ASN B 322 10.64 -26.88 -23.12
CA ASN B 322 11.04 -27.75 -22.05
C ASN B 322 11.39 -26.89 -20.85
N SER B 323 10.88 -27.26 -19.68
CA SER B 323 11.04 -26.45 -18.47
C SER B 323 12.51 -26.31 -18.03
N GLY B 324 13.19 -27.45 -17.91
CA GLY B 324 14.62 -27.47 -17.55
C GLY B 324 15.49 -26.66 -18.47
N LYS B 325 15.22 -26.74 -19.76
CA LYS B 325 15.97 -25.97 -20.76
C LYS B 325 15.72 -24.47 -20.57
N TYR B 326 14.47 -24.08 -20.36
CA TYR B 326 14.12 -22.70 -20.08
C TYR B 326 14.87 -22.14 -18.85
N LEU B 327 14.82 -22.88 -17.75
CA LEU B 327 15.46 -22.45 -16.50
C LEU B 327 16.97 -22.19 -16.67
N VAL B 328 17.69 -23.12 -17.28
CA VAL B 328 19.14 -22.95 -17.47
C VAL B 328 19.48 -21.73 -18.32
N GLN B 329 18.70 -21.49 -19.37
CA GLN B 329 18.87 -20.30 -20.20
C GLN B 329 18.73 -19.03 -19.36
N ARG B 330 17.69 -18.97 -18.53
CA ARG B 330 17.50 -17.82 -17.63
C ARG B 330 18.67 -17.67 -16.66
N LEU B 331 19.13 -18.78 -16.11
CA LEU B 331 20.24 -18.76 -15.14
C LEU B 331 21.60 -18.52 -15.78
N ALA B 332 21.76 -18.91 -17.04
CA ALA B 332 23.08 -18.90 -17.68
C ALA B 332 23.37 -17.62 -18.47
N ALA B 333 22.32 -16.86 -18.80
CA ALA B 333 22.42 -15.72 -19.73
C ALA B 333 23.44 -14.66 -19.33
N THR B 334 23.62 -14.44 -18.03
CA THR B 334 24.67 -13.55 -17.52
C THR B 334 25.85 -14.36 -17.03
N MET C 3 11.12 18.06 -7.33
CA MET C 3 9.65 18.16 -7.09
C MET C 3 8.93 16.86 -7.48
N GLU C 4 8.01 16.44 -6.62
CA GLU C 4 7.28 15.17 -6.78
C GLU C 4 6.36 15.19 -8.00
N LYS C 5 5.99 14.00 -8.45
CA LYS C 5 5.02 13.79 -9.54
C LYS C 5 3.65 14.30 -9.12
N ALA C 6 3.01 15.07 -10.00
CA ALA C 6 1.65 15.58 -9.75
C ALA C 6 0.69 14.46 -9.37
N ALA C 7 -0.19 14.75 -8.42
CA ALA C 7 -1.19 13.78 -7.98
C ALA C 7 -2.27 13.67 -9.04
N VAL C 8 -2.57 14.79 -9.70
CA VAL C 8 -3.54 14.82 -10.79
C VAL C 8 -2.99 15.69 -11.90
N ASN C 9 -3.16 15.25 -13.14
CA ASN C 9 -2.71 16.03 -14.28
C ASN C 9 -3.52 15.71 -15.53
N GLU C 10 -4.73 16.26 -15.60
CA GLU C 10 -5.65 16.01 -16.71
C GLU C 10 -6.50 17.24 -17.05
N ASP C 11 -6.71 17.48 -18.34
CA ASP C 11 -7.66 18.50 -18.81
C ASP C 11 -7.32 19.92 -18.32
N GLY C 12 -6.05 20.19 -18.10
CA GLY C 12 -5.59 21.48 -17.58
C GLY C 12 -5.57 21.59 -16.07
N LEU C 13 -6.07 20.55 -15.40
CA LEU C 13 -6.06 20.50 -13.94
C LEU C 13 -4.79 19.83 -13.46
N VAL C 14 -3.95 20.56 -12.73
CA VAL C 14 -2.72 20.00 -12.18
C VAL C 14 -2.72 20.18 -10.67
N ILE C 15 -2.89 19.08 -9.96
CA ILE C 15 -2.91 19.09 -8.50
C ILE C 15 -1.57 18.52 -8.06
N PRO C 16 -0.72 19.36 -7.45
CA PRO C 16 0.61 18.87 -7.13
C PRO C 16 0.62 18.04 -5.86
N LEU C 17 1.53 17.05 -5.82
CA LEU C 17 1.80 16.30 -4.62
C LEU C 17 3.05 16.90 -3.99
N ILE C 18 2.92 17.39 -2.76
CA ILE C 18 3.97 18.17 -2.13
C ILE C 18 4.35 17.56 -0.78
N ASP C 19 5.65 17.41 -0.57
CA ASP C 19 6.19 16.94 0.70
C ASP C 19 6.21 18.11 1.69
N PHE C 20 5.27 18.10 2.64
CA PHE C 20 5.13 19.20 3.61
C PHE C 20 6.29 19.33 4.61
N SER C 21 6.94 18.22 4.96
CA SER C 21 8.08 18.25 5.88
C SER C 21 9.22 19.14 5.36
N LYS C 22 9.23 19.36 4.04
CA LYS C 22 10.20 20.24 3.39
C LYS C 22 9.93 21.72 3.65
N PHE C 23 8.67 22.06 3.95
CA PHE C 23 8.33 23.40 4.43
C PHE C 23 8.60 23.51 5.93
N LEU C 24 8.32 22.45 6.67
CA LEU C 24 8.47 22.50 8.13
C LEU C 24 9.91 22.35 8.62
N GLU C 25 10.75 21.62 7.89
CA GLU C 25 12.04 21.19 8.44
C GLU C 25 13.26 21.31 7.52
N GLY C 26 13.07 21.73 6.27
CA GLY C 26 14.19 21.88 5.35
C GLY C 26 15.12 23.03 5.71
N ASP C 27 16.09 23.30 4.85
CA ASP C 27 16.82 24.57 4.92
C ASP C 27 15.94 25.64 4.29
N GLU C 28 16.40 26.89 4.36
CA GLU C 28 15.54 28.02 4.00
C GLU C 28 15.15 28.08 2.51
N THR C 29 16.09 27.74 1.63
CA THR C 29 15.81 27.70 0.18
C THR C 29 14.72 26.66 -0.14
N LEU C 30 14.82 25.50 0.47
CA LEU C 30 13.86 24.43 0.24
C LEU C 30 12.49 24.78 0.84
N LYS C 31 12.48 25.43 2.01
CA LYS C 31 11.24 25.91 2.63
C LYS C 31 10.51 26.87 1.69
N LEU C 32 11.27 27.75 1.04
CA LEU C 32 10.70 28.75 0.15
C LEU C 32 10.17 28.10 -1.13
N GLU C 33 10.93 27.12 -1.62
CA GLU C 33 10.54 26.36 -2.82
C GLU C 33 9.21 25.63 -2.60
N THR C 34 9.09 24.98 -1.45
CA THR C 34 7.90 24.23 -1.06
C THR C 34 6.69 25.16 -0.88
N ALA C 35 6.90 26.28 -0.20
CA ALA C 35 5.84 27.28 0.02
C ALA C 35 5.29 27.79 -1.31
N LYS C 36 6.17 28.09 -2.26
CA LYS C 36 5.74 28.57 -3.57
C LYS C 36 4.97 27.52 -4.39
N ALA C 37 5.35 26.26 -4.28
CA ALA C 37 4.62 25.19 -4.98
C ALA C 37 3.23 25.02 -4.39
N ILE C 38 3.12 25.10 -3.06
CA ILE C 38 1.84 25.08 -2.34
C ILE C 38 0.91 26.19 -2.82
N LEU C 39 1.38 27.43 -2.80
CA LEU C 39 0.61 28.57 -3.26
C LEU C 39 0.25 28.44 -4.73
N HIS C 40 1.22 28.05 -5.55
CA HIS C 40 0.96 27.87 -6.97
C HIS C 40 -0.17 26.86 -7.20
N GLY C 41 -0.21 25.79 -6.42
CA GLY C 41 -1.32 24.83 -6.48
C GLY C 41 -2.68 25.43 -6.16
N PHE C 42 -2.73 26.22 -5.09
CA PHE C 42 -3.96 26.93 -4.70
C PHE C 42 -4.40 27.97 -5.74
N GLN C 43 -3.41 28.56 -6.41
CA GLN C 43 -3.65 29.57 -7.44
C GLN C 43 -4.15 29.03 -8.78
N THR C 44 -3.98 27.72 -8.99
CA THR C 44 -4.29 27.11 -10.28
C THR C 44 -5.42 26.09 -10.13
N ALA C 45 -5.13 24.96 -9.47
CA ALA C 45 -6.13 23.91 -9.25
C ALA C 45 -7.06 24.23 -8.08
N GLY C 46 -6.60 25.05 -7.14
CA GLY C 46 -7.31 25.27 -5.88
C GLY C 46 -7.22 24.08 -4.92
N PHE C 47 -6.46 23.07 -5.33
CA PHE C 47 -6.28 21.81 -4.60
C PHE C 47 -4.80 21.42 -4.62
N ILE C 48 -4.33 20.85 -3.52
CA ILE C 48 -3.01 20.19 -3.49
C ILE C 48 -3.15 18.90 -2.68
N TYR C 49 -2.19 17.98 -2.85
CA TYR C 49 -2.02 16.89 -1.90
C TYR C 49 -0.76 17.15 -1.10
N LEU C 50 -0.83 16.96 0.21
CA LEU C 50 0.34 17.04 1.07
C LEU C 50 0.68 15.65 1.59
N LYS C 51 1.96 15.31 1.53
CA LYS C 51 2.49 14.10 2.16
C LYS C 51 3.47 14.50 3.27
N ASN C 52 3.82 13.54 4.12
CA ASN C 52 4.72 13.74 5.27
C ASN C 52 4.28 14.92 6.13
N ILE C 53 3.01 14.94 6.49
CA ILE C 53 2.45 15.97 7.35
C ILE C 53 2.65 15.54 8.81
N PRO C 54 2.66 16.50 9.75
CA PRO C 54 2.92 16.17 11.17
C PRO C 54 1.98 15.15 11.82
N ILE C 55 0.79 14.97 11.25
CA ILE C 55 -0.19 14.03 11.82
C ILE C 55 0.20 12.59 11.47
N GLN C 56 0.46 11.80 12.52
CA GLN C 56 0.95 10.42 12.39
C GLN C 56 -0.08 9.48 11.77
N PRO C 57 0.36 8.67 10.79
CA PRO C 57 -0.53 7.75 10.06
C PRO C 57 -1.27 6.74 10.94
N ASP C 58 -0.61 6.22 11.98
CA ASP C 58 -1.25 5.24 12.87
C ASP C 58 -2.38 5.89 13.69
N PHE C 59 -2.18 7.13 14.13
CA PHE C 59 -3.23 7.88 14.81
C PHE C 59 -4.40 8.18 13.86
N ARG C 60 -4.09 8.58 12.64
CA ARG C 60 -5.11 8.79 11.60
C ARG C 60 -5.99 7.55 11.43
N GLU C 61 -5.35 6.38 11.32
CA GLU C 61 -6.09 5.12 11.19
C GLU C 61 -6.99 4.89 12.40
N HIS C 62 -6.47 5.14 13.60
CA HIS C 62 -7.25 5.08 14.85
C HIS C 62 -8.45 6.02 14.80
N VAL C 63 -8.24 7.25 14.31
CA VAL C 63 -9.33 8.23 14.21
C VAL C 63 -10.42 7.75 13.26
N PHE C 64 -10.02 7.18 12.12
CA PHE C 64 -10.98 6.59 11.18
C PHE C 64 -11.74 5.41 11.79
N ASN C 65 -11.04 4.57 12.56
CA ASN C 65 -11.68 3.45 13.27
C ASN C 65 -12.70 3.94 14.28
N THR C 66 -12.33 4.98 15.01
CA THR C 66 -13.19 5.60 16.02
C THR C 66 -14.43 6.21 15.37
N SER C 67 -14.25 6.82 14.20
CA SER C 67 -15.35 7.34 13.41
C SER C 67 -16.33 6.23 12.96
N ALA C 68 -15.78 5.12 12.47
CA ALA C 68 -16.61 4.00 12.02
C ALA C 68 -17.50 3.49 13.15
N LYS C 69 -16.96 3.46 14.36
CA LYS C 69 -17.71 3.05 15.55
C LYS C 69 -18.89 3.97 15.82
N PHE C 70 -18.68 5.29 15.70
CA PHE C 70 -19.78 6.23 15.90
C PHE C 70 -20.93 5.96 14.93
N PHE C 71 -20.61 5.66 13.68
CA PHE C 71 -21.64 5.46 12.66
C PHE C 71 -22.31 4.08 12.73
N LYS C 72 -21.68 3.16 13.47
CA LYS C 72 -22.26 1.84 13.73
C LYS C 72 -23.45 1.88 14.71
N LEU C 73 -23.66 3.04 15.35
CA LEU C 73 -24.79 3.21 16.27
C LEU C 73 -26.14 3.07 15.57
N PRO C 74 -27.19 2.68 16.33
CA PRO C 74 -28.56 2.69 15.81
C PRO C 74 -28.99 4.08 15.36
N LYS C 75 -29.79 4.13 14.30
CA LYS C 75 -30.25 5.38 13.67
C LYS C 75 -30.83 6.37 14.69
N GLU C 76 -31.52 5.83 15.70
CA GLU C 76 -32.15 6.63 16.76
C GLU C 76 -31.11 7.34 17.64
N LYS C 77 -30.05 6.63 18.02
CA LYS C 77 -29.00 7.22 18.86
C LYS C 77 -28.16 8.29 18.15
N LYS C 78 -28.27 8.36 16.82
CA LYS C 78 -27.47 9.31 16.04
C LYS C 78 -28.20 10.63 15.77
N LEU C 79 -29.48 10.57 15.41
CA LEU C 79 -30.30 11.80 15.32
C LEU C 79 -30.58 12.39 16.70
N GLU C 80 -30.28 11.62 17.75
CA GLU C 80 -30.22 12.12 19.12
C GLU C 80 -29.27 13.31 19.25
N VAL C 81 -28.04 13.15 18.74
CA VAL C 81 -27.03 14.21 18.74
C VAL C 81 -27.05 14.99 17.42
N GLY C 82 -28.24 15.26 16.94
CA GLY C 82 -28.44 15.84 15.62
C GLY C 82 -28.02 17.29 15.48
N TRP C 83 -27.61 17.62 14.26
CA TRP C 83 -27.29 18.98 13.84
C TRP C 83 -28.48 19.90 14.16
N THR C 84 -28.22 20.97 14.90
CA THR C 84 -29.28 21.88 15.34
C THR C 84 -29.41 23.10 14.42
N THR C 85 -28.53 24.08 14.62
CA THR C 85 -28.61 25.37 13.88
C THR C 85 -27.34 25.64 13.08
N PRO C 86 -27.42 26.57 12.10
CA PRO C 86 -26.23 27.01 11.35
C PRO C 86 -25.17 27.68 12.22
N GLU C 87 -25.61 28.37 13.26
CA GLU C 87 -24.70 29.05 14.19
C GLU C 87 -23.93 28.04 15.05
N ALA C 88 -24.54 26.90 15.36
CA ALA C 88 -23.85 25.83 16.08
C ALA C 88 -22.93 25.04 15.15
N ASN C 89 -23.47 24.66 14.00
CA ASN C 89 -22.79 23.82 13.00
C ASN C 89 -22.12 22.57 13.60
N ARG C 90 -22.84 21.90 14.48
CA ARG C 90 -22.32 20.74 15.21
C ARG C 90 -23.32 19.58 15.22
N GLY C 91 -22.80 18.36 15.27
CA GLY C 91 -23.63 17.17 15.46
C GLY C 91 -23.94 16.39 14.20
N TYR C 92 -24.87 15.44 14.33
CA TYR C 92 -25.15 14.44 13.30
C TYR C 92 -26.16 14.91 12.26
N SER C 93 -25.99 14.42 11.04
CA SER C 93 -26.79 14.85 9.89
C SER C 93 -26.94 13.67 8.91
N ALA C 94 -28.18 13.32 8.58
CA ALA C 94 -28.49 12.18 7.70
C ALA C 94 -29.37 12.61 6.51
N PRO C 95 -29.59 11.69 5.55
CA PRO C 95 -30.50 12.03 4.45
C PRO C 95 -31.94 11.66 4.76
N PRO C 117 -30.74 12.87 -3.51
CA PRO C 117 -29.98 13.33 -2.36
C PRO C 117 -28.71 12.49 -2.12
N ASP C 118 -27.72 13.10 -1.48
CA ASP C 118 -26.46 12.44 -1.16
C ASP C 118 -26.66 11.18 -0.31
N ILE C 119 -26.04 10.07 -0.73
CA ILE C 119 -26.08 8.82 0.04
C ILE C 119 -24.96 8.85 1.08
N LYS C 120 -25.13 9.71 2.08
CA LYS C 120 -24.10 9.93 3.10
C LYS C 120 -24.71 10.29 4.44
N GLU C 121 -23.89 10.23 5.47
CA GLU C 121 -24.21 10.75 6.78
C GLU C 121 -22.96 11.43 7.33
N SER C 122 -23.14 12.32 8.30
CA SER C 122 -22.03 13.11 8.82
C SER C 122 -22.19 13.47 10.29
N TYR C 123 -21.06 13.71 10.93
CA TYR C 123 -21.03 14.19 12.32
C TYR C 123 -19.99 15.30 12.45
N GLU C 124 -20.39 16.40 13.08
CA GLU C 124 -19.56 17.61 13.13
C GLU C 124 -19.17 18.05 14.55
N ILE C 125 -17.89 18.36 14.69
CA ILE C 125 -17.27 18.71 15.96
C ILE C 125 -16.55 20.05 15.80
N GLY C 126 -16.85 20.99 16.70
CA GLY C 126 -16.20 22.29 16.73
C GLY C 126 -15.23 22.38 17.90
N ARG C 127 -14.69 23.57 18.15
CA ARG C 127 -13.81 23.76 19.29
C ARG C 127 -14.59 23.64 20.59
N GLU C 128 -13.90 23.23 21.66
CA GLU C 128 -14.55 23.00 22.96
C GLU C 128 -14.94 24.28 23.68
N ASP C 129 -14.15 25.34 23.53
CA ASP C 129 -14.27 26.54 24.38
C ASP C 129 -15.18 27.64 23.84
N GLU C 130 -16.22 27.28 23.08
CA GLU C 130 -17.10 28.28 22.47
C GLU C 130 -18.39 28.48 23.27
N PRO C 131 -18.54 29.68 23.90
CA PRO C 131 -19.72 29.98 24.72
C PRO C 131 -21.00 29.98 23.91
N GLY C 132 -22.00 29.22 24.39
CA GLY C 132 -23.28 29.11 23.72
C GLY C 132 -23.45 27.89 22.82
N HIS C 133 -22.34 27.31 22.37
CA HIS C 133 -22.40 26.22 21.39
C HIS C 133 -21.51 25.03 21.76
N PRO C 134 -22.02 24.11 22.59
CA PRO C 134 -21.24 22.93 22.97
C PRO C 134 -21.34 21.79 21.96
N ASN C 135 -20.29 20.96 21.94
CA ASN C 135 -20.28 19.77 21.10
C ASN C 135 -21.18 18.69 21.69
N PRO C 136 -22.18 18.23 20.90
CA PRO C 136 -23.04 17.15 21.38
C PRO C 136 -22.38 15.78 21.26
N TRP C 137 -21.60 15.44 22.27
CA TRP C 137 -20.90 14.14 22.31
C TRP C 137 -21.89 13.01 22.57
N PRO C 138 -21.67 11.86 21.91
CA PRO C 138 -22.47 10.68 22.22
C PRO C 138 -22.03 10.07 23.55
N ALA C 139 -22.93 9.29 24.15
CA ALA C 139 -22.63 8.59 25.40
C ALA C 139 -21.38 7.73 25.28
N GLU C 140 -20.48 7.89 26.25
CA GLU C 140 -19.19 7.19 26.25
C GLU C 140 -19.34 5.80 26.85
N GLN C 141 -19.72 4.82 26.02
CA GLN C 141 -19.72 3.42 26.45
C GLN C 141 -19.47 2.46 25.27
N ASP C 142 -19.06 1.25 25.60
CA ASP C 142 -18.73 0.20 24.64
C ASP C 142 -17.60 0.66 23.72
N ASP C 143 -17.82 0.54 22.41
CA ASP C 143 -16.82 0.91 21.41
C ASP C 143 -16.62 2.43 21.28
N LEU C 144 -17.55 3.21 21.83
CA LEU C 144 -17.46 4.67 21.79
C LEU C 144 -16.71 5.26 22.99
N VAL C 145 -16.09 4.41 23.80
CA VAL C 145 -15.23 4.86 24.90
C VAL C 145 -13.90 5.37 24.32
N GLY C 146 -13.54 6.60 24.69
CA GLY C 146 -12.34 7.25 24.17
C GLY C 146 -12.62 8.14 22.96
N PHE C 147 -13.90 8.19 22.56
CA PHE C 147 -14.35 8.94 21.38
C PHE C 147 -13.99 10.42 21.49
N LYS C 148 -14.35 11.03 22.61
CA LYS C 148 -14.16 12.47 22.84
C LYS C 148 -12.69 12.90 22.80
N SER C 149 -11.84 12.22 23.55
CA SER C 149 -10.42 12.60 23.65
C SER C 149 -9.65 12.30 22.36
N THR C 150 -10.04 11.24 21.65
CA THR C 150 -9.50 10.94 20.32
C THR C 150 -9.80 12.12 19.37
N MET C 151 -11.08 12.50 19.29
CA MET C 151 -11.53 13.55 18.36
C MET C 151 -11.04 14.96 18.70
N ASN C 152 -10.96 15.29 19.99
CA ASN C 152 -10.40 16.56 20.44
C ASN C 152 -8.91 16.65 20.14
N ASN C 153 -8.22 15.54 20.36
CA ASN C 153 -6.81 15.44 20.01
C ASN C 153 -6.60 15.65 18.50
N PHE C 154 -7.38 14.96 17.69
CA PHE C 154 -7.33 15.11 16.23
C PHE C 154 -7.70 16.54 15.81
N PHE C 155 -8.74 17.08 16.43
CA PHE C 155 -9.18 18.46 16.16
C PHE C 155 -8.03 19.45 16.37
N ASP C 156 -7.28 19.24 17.46
CA ASP C 156 -6.16 20.11 17.82
C ASP C 156 -4.97 19.97 16.88
N GLN C 157 -4.73 18.76 16.38
CA GLN C 157 -3.64 18.55 15.43
C GLN C 157 -3.95 19.17 14.06
N CYS C 158 -5.21 19.10 13.66
CA CYS C 158 -5.66 19.72 12.41
C CYS C 158 -5.60 21.24 12.52
N LYS C 159 -5.99 21.75 13.69
CA LYS C 159 -5.87 23.16 14.03
C LYS C 159 -4.44 23.64 13.83
N ALA C 160 -3.47 22.91 14.39
CA ALA C 160 -2.05 23.23 14.19
C ALA C 160 -1.64 23.18 12.71
N LEU C 161 -2.11 22.16 11.99
CA LEU C 161 -1.77 22.05 10.57
C LEU C 161 -2.36 23.21 9.73
N HIS C 162 -3.58 23.64 10.04
CA HIS C 162 -4.18 24.80 9.37
C HIS C 162 -3.26 26.02 9.46
N ILE C 163 -2.78 26.29 10.67
CA ILE C 163 -1.88 27.43 10.92
C ILE C 163 -0.62 27.33 10.05
N GLU C 164 -0.05 26.14 10.00
CA GLU C 164 1.18 25.87 9.24
C GLU C 164 0.96 26.03 7.72
N VAL C 165 -0.19 25.57 7.22
CA VAL C 165 -0.51 25.72 5.79
C VAL C 165 -0.72 27.19 5.40
N MET C 166 -1.43 27.95 6.24
CA MET C 166 -1.61 29.39 5.97
C MET C 166 -0.26 30.13 5.98
N ARG C 167 0.67 29.68 6.83
CA ARG C 167 2.02 30.24 6.87
C ARG C 167 2.77 29.96 5.56
N ALA C 168 2.63 28.75 5.04
CA ALA C 168 3.19 28.39 3.74
C ALA C 168 2.67 29.30 2.62
N ILE C 169 1.37 29.54 2.62
CA ILE C 169 0.73 30.47 1.67
C ILE C 169 1.34 31.87 1.80
N ALA C 170 1.40 32.38 3.03
CA ALA C 170 2.00 33.69 3.30
C ALA C 170 3.42 33.80 2.74
N VAL C 171 4.23 32.78 3.01
CA VAL C 171 5.62 32.75 2.55
C VAL C 171 5.66 32.68 1.02
N GLY C 172 4.78 31.88 0.44
CA GLY C 172 4.64 31.80 -1.01
C GLY C 172 4.26 33.13 -1.64
N MET C 173 3.40 33.89 -0.97
CA MET C 173 2.96 35.20 -1.46
C MET C 173 4.05 36.26 -1.32
N GLY C 174 4.98 36.03 -0.39
CA GLY C 174 6.07 36.98 -0.15
C GLY C 174 5.64 38.09 0.78
N ILE C 175 4.75 37.77 1.73
CA ILE C 175 4.35 38.68 2.80
C ILE C 175 4.82 38.07 4.10
N ASP C 176 4.60 38.77 5.21
CA ASP C 176 5.01 38.26 6.52
C ASP C 176 4.46 36.84 6.73
N ALA C 177 5.36 35.92 7.06
CA ALA C 177 5.03 34.51 7.25
C ALA C 177 3.88 34.29 8.24
N ASN C 178 3.76 35.20 9.21
CA ASN C 178 2.73 35.11 10.25
C ASN C 178 1.49 35.95 9.98
N TYR C 179 1.35 36.49 8.77
CA TYR C 179 0.22 37.35 8.44
C TYR C 179 -1.13 36.79 8.87
N PHE C 180 -1.37 35.51 8.64
CA PHE C 180 -2.68 34.90 8.88
C PHE C 180 -2.98 34.51 10.35
N ASP C 181 -1.93 34.42 11.17
CA ASP C 181 -2.07 34.00 12.59
C ASP C 181 -3.20 34.72 13.35
N SER C 182 -3.26 36.04 13.21
CA SER C 182 -4.26 36.83 13.95
C SER C 182 -5.67 36.68 13.37
N PHE C 183 -5.77 36.18 12.13
CA PHE C 183 -7.07 35.95 11.51
C PHE C 183 -7.64 34.57 11.78
N VAL C 184 -6.81 33.63 12.24
CA VAL C 184 -7.25 32.24 12.44
C VAL C 184 -7.03 31.68 13.85
N ASP C 185 -6.38 32.43 14.74
CA ASP C 185 -5.92 31.88 16.02
C ASP C 185 -6.99 31.41 17.00
N VAL C 186 -8.23 31.87 16.83
CA VAL C 186 -9.32 31.37 17.68
C VAL C 186 -9.60 29.90 17.38
N GLY C 187 -9.43 29.49 16.12
CA GLY C 187 -9.65 28.10 15.73
C GLY C 187 -11.12 27.75 15.54
N ASP C 188 -11.87 28.66 14.92
CA ASP C 188 -13.29 28.43 14.60
C ASP C 188 -13.45 27.46 13.42
N ASN C 189 -12.92 26.26 13.61
CA ASN C 189 -12.88 25.21 12.58
C ASN C 189 -13.90 24.12 12.89
N ILE C 190 -14.34 23.39 11.87
CA ILE C 190 -15.28 22.28 12.07
C ILE C 190 -14.71 20.97 11.53
N LEU C 191 -14.62 19.98 12.43
CA LEU C 191 -14.20 18.63 12.09
C LEU C 191 -15.41 17.83 11.63
N ARG C 192 -15.48 17.53 10.34
CA ARG C 192 -16.61 16.78 9.79
C ARG C 192 -16.23 15.34 9.50
N LEU C 193 -16.80 14.42 10.28
CA LEU C 193 -16.66 12.99 10.02
C LEU C 193 -17.72 12.58 9.01
N LEU C 194 -17.30 11.84 7.98
CA LEU C 194 -18.21 11.43 6.92
C LEU C 194 -18.22 9.91 6.76
N HIS C 195 -19.41 9.36 6.59
CA HIS C 195 -19.61 7.94 6.28
C HIS C 195 -20.55 7.86 5.09
N TYR C 196 -20.09 7.18 4.04
CA TYR C 196 -20.91 6.89 2.88
C TYR C 196 -21.21 5.39 2.93
N PRO C 197 -22.45 5.01 3.28
CA PRO C 197 -22.75 3.58 3.45
C PRO C 197 -22.52 2.77 2.20
N ALA C 198 -22.46 1.44 2.36
CA ALA C 198 -22.41 0.53 1.23
C ALA C 198 -23.57 0.84 0.31
N VAL C 199 -23.31 0.79 -0.99
CA VAL C 199 -24.34 1.07 -1.98
C VAL C 199 -24.13 0.19 -3.22
N LYS C 200 -25.22 -0.42 -3.66
CA LYS C 200 -25.23 -1.22 -4.88
C LYS C 200 -24.99 -0.32 -6.08
N SER C 201 -24.14 -0.77 -7.00
CA SER C 201 -23.83 0.02 -8.20
C SER C 201 -25.05 0.20 -9.11
N GLU C 202 -26.01 -0.72 -9.01
CA GLU C 202 -27.25 -0.66 -9.80
C GLU C 202 -27.95 0.70 -9.65
N VAL C 203 -27.94 1.24 -8.44
CA VAL C 203 -28.49 2.57 -8.15
C VAL C 203 -28.05 3.62 -9.18
N PHE C 204 -26.75 3.62 -9.49
CA PHE C 204 -26.17 4.64 -10.37
C PHE C 204 -26.45 4.34 -11.84
N LYS C 205 -26.64 3.06 -12.18
CA LYS C 205 -27.02 2.66 -13.53
C LYS C 205 -28.45 3.06 -13.86
N ILE C 206 -29.35 2.92 -12.88
CA ILE C 206 -30.76 3.31 -13.07
C ILE C 206 -30.96 4.83 -12.98
N ASN C 207 -30.18 5.49 -12.11
CA ASN C 207 -30.17 6.95 -12.02
C ASN C 207 -28.76 7.49 -12.25
N PRO C 208 -28.40 7.77 -13.52
CA PRO C 208 -27.03 8.20 -13.87
C PRO C 208 -26.62 9.57 -13.29
N GLY C 209 -27.56 10.28 -12.68
CA GLY C 209 -27.27 11.54 -12.02
C GLY C 209 -26.93 11.41 -10.54
N GLN C 210 -27.13 10.21 -9.98
CA GLN C 210 -26.93 9.97 -8.56
C GLN C 210 -25.45 10.11 -8.16
N VAL C 211 -25.22 10.74 -7.00
CA VAL C 211 -23.88 10.89 -6.46
C VAL C 211 -23.84 10.57 -4.98
N ARG C 212 -22.63 10.36 -4.45
CA ARG C 212 -22.43 10.21 -3.01
C ARG C 212 -22.34 11.56 -2.32
N ALA C 213 -21.74 12.53 -3.01
CA ALA C 213 -21.64 13.89 -2.52
C ALA C 213 -21.83 14.86 -3.67
N GLY C 214 -22.88 15.68 -3.58
CA GLY C 214 -23.24 16.61 -4.64
C GLY C 214 -22.19 17.68 -4.86
N GLU C 215 -22.09 18.18 -6.07
CA GLU C 215 -21.06 19.18 -6.39
C GLU C 215 -21.20 20.46 -5.59
N HIS C 216 -20.05 21.01 -5.20
CA HIS C 216 -20.02 22.21 -4.39
C HIS C 216 -18.65 22.82 -4.32
N THR C 217 -18.61 24.00 -3.72
CA THR C 217 -17.38 24.57 -3.24
C THR C 217 -17.44 24.73 -1.72
N ASP C 218 -16.30 24.64 -1.08
CA ASP C 218 -16.22 24.82 0.37
C ASP C 218 -16.31 26.29 0.76
N TYR C 219 -16.63 26.56 2.01
CA TYR C 219 -16.95 27.94 2.42
C TYR C 219 -15.81 28.76 3.00
N GLY C 220 -14.86 28.09 3.64
CA GLY C 220 -13.88 28.77 4.49
C GLY C 220 -12.57 29.17 3.85
N SER C 221 -11.50 29.14 4.63
CA SER C 221 -10.17 29.42 4.12
C SER C 221 -9.64 28.18 3.39
N ILE C 222 -9.35 27.12 4.14
CA ILE C 222 -8.99 25.83 3.52
C ILE C 222 -9.76 24.67 4.17
N THR C 223 -9.81 23.54 3.45
CA THR C 223 -10.34 22.29 3.99
C THR C 223 -9.23 21.24 3.98
N LEU C 224 -9.02 20.56 5.10
CA LEU C 224 -8.11 19.43 5.15
C LEU C 224 -8.93 18.17 4.98
N LEU C 225 -8.73 17.45 3.86
CA LEU C 225 -9.53 16.27 3.58
C LEU C 225 -8.73 14.96 3.66
N PHE C 226 -9.11 14.11 4.59
CA PHE C 226 -8.53 12.77 4.72
C PHE C 226 -9.51 11.76 4.14
N GLN C 227 -9.11 11.05 3.09
CA GLN C 227 -9.97 10.04 2.49
C GLN C 227 -9.35 8.67 2.64
N ASP C 228 -10.20 7.64 2.76
CA ASP C 228 -9.73 6.24 2.72
C ASP C 228 -9.37 5.86 1.27
N SER C 229 -9.19 4.56 1.01
CA SER C 229 -8.74 4.12 -0.31
C SER C 229 -9.86 3.78 -1.31
N ARG C 230 -11.11 4.05 -0.96
CA ARG C 230 -12.24 3.68 -1.82
C ARG C 230 -12.29 4.46 -3.13
N GLY C 231 -11.93 5.74 -3.08
CA GLY C 231 -12.02 6.60 -4.26
C GLY C 231 -13.41 7.17 -4.46
N GLY C 232 -13.56 8.03 -5.46
CA GLY C 232 -14.82 8.72 -5.73
C GLY C 232 -14.76 10.24 -5.71
N LEU C 233 -13.79 10.82 -5.00
CA LEU C 233 -13.59 12.27 -5.01
C LEU C 233 -13.23 12.73 -6.42
N GLN C 234 -13.89 13.79 -6.89
CA GLN C 234 -13.58 14.38 -8.19
C GLN C 234 -13.52 15.90 -8.11
N VAL C 235 -12.58 16.47 -8.86
CA VAL C 235 -12.32 17.89 -8.89
C VAL C 235 -12.56 18.39 -10.33
N LYS C 236 -13.33 19.47 -10.48
CA LYS C 236 -13.65 19.99 -11.83
C LYS C 236 -12.44 20.70 -12.41
N SER C 237 -12.06 20.31 -13.63
CA SER C 237 -10.90 20.89 -14.32
C SER C 237 -11.23 22.31 -14.79
N PRO C 238 -10.20 23.11 -15.11
CA PRO C 238 -10.51 24.45 -15.62
C PRO C 238 -11.21 24.43 -16.98
N ASN C 239 -11.27 23.24 -17.59
CA ASN C 239 -11.98 23.09 -18.86
C ASN C 239 -13.36 22.42 -18.73
N GLY C 240 -13.87 22.38 -17.50
CA GLY C 240 -15.27 22.01 -17.25
C GLY C 240 -15.58 20.53 -17.09
N GLN C 241 -14.56 19.70 -16.81
CA GLN C 241 -14.76 18.25 -16.63
C GLN C 241 -14.30 17.76 -15.25
N PHE C 242 -15.09 16.88 -14.64
CA PHE C 242 -14.68 16.28 -13.37
C PHE C 242 -13.59 15.22 -13.59
N ILE C 243 -12.54 15.32 -12.77
CA ILE C 243 -11.36 14.45 -12.82
C ILE C 243 -11.22 13.71 -11.48
N ASP C 244 -10.93 12.42 -11.51
CA ASP C 244 -10.71 11.64 -10.29
C ASP C 244 -9.54 12.18 -9.50
N ALA C 245 -9.77 12.44 -8.20
CA ALA C 245 -8.67 12.72 -7.28
C ALA C 245 -8.40 11.41 -6.53
N THR C 246 -7.54 10.60 -7.13
CA THR C 246 -7.22 9.27 -6.65
C THR C 246 -6.61 9.32 -5.24
N PRO C 247 -7.00 8.40 -4.35
CA PRO C 247 -6.35 8.35 -3.06
C PRO C 247 -4.88 8.00 -3.19
N ILE C 248 -4.02 8.74 -2.50
CA ILE C 248 -2.61 8.39 -2.39
C ILE C 248 -2.34 8.16 -0.91
N GLU C 249 -1.63 7.08 -0.60
CA GLU C 249 -1.45 6.64 0.78
C GLU C 249 -0.81 7.71 1.67
N ASN C 250 -1.39 7.88 2.85
CA ASN C 250 -0.90 8.82 3.86
C ASN C 250 -0.72 10.25 3.34
N THR C 251 -1.68 10.72 2.55
CA THR C 251 -1.73 12.12 2.12
C THR C 251 -2.97 12.81 2.69
N VAL C 252 -2.94 14.13 2.74
CA VAL C 252 -4.12 14.92 2.99
C VAL C 252 -4.34 15.74 1.73
N VAL C 253 -5.60 15.84 1.30
CA VAL C 253 -5.98 16.69 0.19
C VAL C 253 -6.43 18.01 0.81
N VAL C 254 -5.87 19.11 0.31
CA VAL C 254 -6.11 20.44 0.87
C VAL C 254 -6.68 21.32 -0.22
N ASN C 255 -7.81 21.97 0.04
CA ASN C 255 -8.39 22.88 -0.92
C ASN C 255 -8.83 24.20 -0.30
N ALA C 256 -8.67 25.28 -1.05
CA ALA C 256 -9.12 26.60 -0.65
C ALA C 256 -10.63 26.67 -0.73
N GLY C 257 -11.24 27.44 0.18
CA GLY C 257 -12.69 27.65 0.18
C GLY C 257 -13.07 29.02 -0.33
N ASP C 258 -14.37 29.27 -0.45
CA ASP C 258 -14.84 30.52 -1.08
C ASP C 258 -14.37 31.78 -0.36
N LEU C 259 -14.21 31.69 0.96
CA LEU C 259 -13.78 32.85 1.74
C LEU C 259 -12.33 33.20 1.41
N LEU C 260 -11.46 32.20 1.31
CA LEU C 260 -10.08 32.44 0.86
C LEU C 260 -10.01 32.92 -0.58
N ALA C 261 -10.82 32.33 -1.47
CA ALA C 261 -10.88 32.83 -2.84
C ALA C 261 -11.09 34.32 -2.83
N ARG C 262 -12.11 34.74 -2.10
CA ARG C 262 -12.51 36.15 -2.00
C ARG C 262 -11.42 37.01 -1.35
N TRP C 263 -10.96 36.57 -0.20
CA TRP C 263 -9.86 37.19 0.56
C TRP C 263 -8.64 37.44 -0.30
N SER C 264 -8.34 36.51 -1.20
CA SER C 264 -7.16 36.59 -2.04
C SER C 264 -7.36 37.47 -3.27
N ASN C 265 -8.53 38.10 -3.38
CA ASN C 265 -8.95 38.82 -4.58
C ASN C 265 -8.93 37.94 -5.84
N ASP C 266 -9.34 36.68 -5.66
CA ASP C 266 -9.40 35.69 -6.72
C ASP C 266 -8.03 35.31 -7.32
N THR C 267 -6.94 35.56 -6.59
CA THR C 267 -5.65 34.98 -6.98
C THR C 267 -5.61 33.50 -6.62
N ILE C 268 -6.38 33.12 -5.61
CA ILE C 268 -6.51 31.73 -5.19
C ILE C 268 -7.90 31.19 -5.56
N LYS C 269 -7.95 29.95 -6.04
CA LYS C 269 -9.19 29.36 -6.54
C LYS C 269 -9.88 28.49 -5.49
N SER C 270 -11.20 28.62 -5.41
CA SER C 270 -12.05 27.67 -4.73
C SER C 270 -12.77 26.88 -5.80
N THR C 271 -12.46 25.59 -5.85
CA THR C 271 -12.81 24.73 -6.99
C THR C 271 -13.97 23.78 -6.66
N VAL C 272 -14.83 23.60 -7.65
CA VAL C 272 -15.98 22.70 -7.55
C VAL C 272 -15.49 21.25 -7.46
N HIS C 273 -16.07 20.51 -6.51
CA HIS C 273 -15.72 19.12 -6.31
C HIS C 273 -16.94 18.33 -5.83
N ARG C 274 -16.89 17.01 -5.97
CA ARG C 274 -18.01 16.15 -5.63
C ARG C 274 -17.47 14.76 -5.31
N VAL C 275 -18.33 13.89 -4.80
CA VAL C 275 -17.98 12.47 -4.64
C VAL C 275 -18.95 11.60 -5.42
N VAL C 276 -18.41 10.84 -6.37
CA VAL C 276 -19.24 9.91 -7.16
C VAL C 276 -19.03 8.47 -6.70
N GLU C 277 -19.66 7.57 -7.45
CA GLU C 277 -19.40 6.15 -7.37
C GLU C 277 -17.90 5.90 -7.56
N PRO C 278 -17.28 5.05 -6.72
CA PRO C 278 -15.86 4.75 -6.90
C PRO C 278 -15.59 4.25 -8.32
N PRO C 279 -14.39 4.50 -8.87
CA PRO C 279 -14.09 4.03 -10.22
C PRO C 279 -13.66 2.55 -10.22
N LYS C 280 -14.50 1.71 -9.65
CA LYS C 280 -14.21 0.29 -9.49
C LYS C 280 -15.46 -0.47 -9.82
N GLN C 281 -15.35 -1.47 -10.69
CA GLN C 281 -16.52 -2.23 -11.10
C GLN C 281 -16.79 -3.37 -10.11
N GLU C 282 -17.90 -3.25 -9.39
CA GLU C 282 -18.26 -4.21 -8.35
C GLU C 282 -19.78 -4.17 -8.14
N ASP C 283 -20.32 -5.26 -7.63
CA ASP C 283 -21.75 -5.37 -7.36
C ASP C 283 -22.19 -4.40 -6.27
N VAL C 284 -21.40 -4.33 -5.21
CA VAL C 284 -21.69 -3.47 -4.08
C VAL C 284 -20.42 -2.68 -3.77
N HIS C 285 -20.56 -1.36 -3.75
CA HIS C 285 -19.48 -0.49 -3.29
C HIS C 285 -19.50 -0.47 -1.78
N PRO C 286 -18.38 -0.90 -1.15
CA PRO C 286 -18.27 -0.92 0.30
C PRO C 286 -18.39 0.48 0.90
N PRO C 287 -18.58 0.57 2.22
CA PRO C 287 -18.62 1.89 2.87
C PRO C 287 -17.35 2.70 2.57
N ARG C 288 -17.52 3.99 2.32
CA ARG C 288 -16.37 4.90 2.20
C ARG C 288 -16.37 5.84 3.40
N TYR C 289 -15.21 6.04 4.00
CA TYR C 289 -15.07 7.02 5.07
C TYR C 289 -14.13 8.13 4.65
N SER C 290 -14.46 9.35 5.04
CA SER C 290 -13.55 10.47 4.88
C SER C 290 -13.71 11.42 6.06
N ILE C 291 -12.76 12.31 6.23
CA ILE C 291 -12.84 13.30 7.28
C ILE C 291 -12.47 14.63 6.66
N ALA C 292 -13.37 15.60 6.80
CA ALA C 292 -13.15 16.94 6.26
C ALA C 292 -13.01 17.92 7.41
N TYR C 293 -11.87 18.57 7.52
CA TYR C 293 -11.65 19.56 8.55
C TYR C 293 -11.76 20.93 7.92
N PHE C 294 -12.86 21.63 8.20
CA PHE C 294 -13.13 22.92 7.59
C PHE C 294 -12.47 24.00 8.41
N CYS C 295 -11.53 24.71 7.78
CA CYS C 295 -10.83 25.78 8.47
C CYS C 295 -11.47 27.09 8.09
N ASN C 296 -11.66 27.94 9.09
CA ASN C 296 -12.20 29.27 8.88
C ASN C 296 -11.37 30.33 9.59
N PRO C 297 -11.41 31.57 9.09
CA PRO C 297 -10.98 32.70 9.89
C PRO C 297 -11.82 32.83 11.16
N ASN C 298 -11.32 33.54 12.15
CA ASN C 298 -12.09 33.87 13.36
C ASN C 298 -13.44 34.50 12.97
N HIS C 299 -14.51 34.11 13.66
CA HIS C 299 -15.85 34.69 13.44
C HIS C 299 -15.85 36.21 13.35
N LYS C 300 -14.95 36.84 14.11
CA LYS C 300 -14.93 38.28 14.25
C LYS C 300 -13.99 38.98 13.28
N SER C 301 -13.24 38.20 12.49
CA SER C 301 -12.35 38.74 11.46
C SER C 301 -13.15 39.47 10.40
N TYR C 302 -12.55 40.54 9.86
CA TYR C 302 -13.10 41.28 8.74
C TYR C 302 -12.24 40.99 7.51
N ILE C 303 -12.88 40.50 6.45
CA ILE C 303 -12.17 39.95 5.29
C ILE C 303 -12.11 40.99 4.15
N GLU C 304 -10.91 41.55 3.96
CA GLU C 304 -10.61 42.42 2.82
C GLU C 304 -9.42 41.84 2.08
N ALA C 305 -9.13 42.35 0.89
CA ALA C 305 -8.06 41.80 0.06
C ALA C 305 -6.71 41.77 0.78
N ILE C 306 -6.04 40.63 0.67
CA ILE C 306 -4.71 40.43 1.24
C ILE C 306 -3.70 41.30 0.49
N PRO C 307 -2.78 41.96 1.23
CA PRO C 307 -1.76 42.78 0.58
C PRO C 307 -0.96 41.94 -0.39
N GLY C 308 -0.68 42.50 -1.56
CA GLY C 308 0.03 41.80 -2.62
C GLY C 308 -0.88 41.19 -3.68
N THR C 309 -2.16 41.06 -3.40
CA THR C 309 -3.08 40.40 -4.34
C THR C 309 -3.77 41.37 -5.29
N TYR C 310 -3.33 42.63 -5.26
CA TYR C 310 -3.82 43.67 -6.16
C TYR C 310 -2.80 44.81 -6.18
N ALA C 311 -2.70 45.50 -7.31
CA ALA C 311 -1.77 46.63 -7.44
C ALA C 311 -2.48 47.94 -7.14
N ALA C 312 -3.47 48.29 -7.96
CA ALA C 312 -4.29 49.48 -7.76
C ALA C 312 -5.54 49.15 -6.96
N GLU C 313 -6.14 50.15 -6.32
CA GLU C 313 -7.38 49.95 -5.56
C GLU C 313 -8.56 49.51 -6.42
N SER C 314 -8.50 49.84 -7.71
CA SER C 314 -9.57 49.47 -8.65
C SER C 314 -9.52 47.99 -9.05
N GLU C 315 -8.46 47.30 -8.65
CA GLU C 315 -8.34 45.86 -8.90
C GLU C 315 -9.10 45.04 -7.86
N ARG C 316 -9.44 45.68 -6.74
CA ARG C 316 -10.19 45.01 -5.67
C ARG C 316 -11.60 44.67 -6.13
N LYS C 317 -11.91 43.38 -6.18
CA LYS C 317 -13.16 42.89 -6.76
C LYS C 317 -14.34 42.91 -5.77
N TYR C 318 -14.06 42.80 -4.48
CA TYR C 318 -15.11 42.54 -3.49
C TYR C 318 -15.17 43.54 -2.34
N GLU C 319 -16.39 43.79 -1.89
CA GLU C 319 -16.65 44.51 -0.65
C GLU C 319 -16.13 43.68 0.55
N GLY C 320 -15.72 44.35 1.62
CA GLY C 320 -15.32 43.65 2.84
C GLY C 320 -16.50 42.92 3.47
N ILE C 321 -16.23 41.82 4.16
CA ILE C 321 -17.29 41.09 4.88
C ILE C 321 -16.81 40.53 6.21
N ASN C 322 -17.77 40.34 7.12
CA ASN C 322 -17.50 39.67 8.38
C ASN C 322 -17.48 38.16 8.18
N SER C 323 -16.41 37.54 8.65
CA SER C 323 -16.18 36.11 8.46
C SER C 323 -17.34 35.28 9.01
N GLY C 324 -17.64 35.47 10.29
CA GLY C 324 -18.70 34.73 10.97
C GLY C 324 -20.04 34.83 10.28
N LYS C 325 -20.45 36.05 9.93
CA LYS C 325 -21.74 36.29 9.29
C LYS C 325 -21.83 35.66 7.89
N TYR C 326 -20.76 35.75 7.13
CA TYR C 326 -20.68 35.10 5.82
C TYR C 326 -20.89 33.59 5.93
N LEU C 327 -20.19 32.98 6.89
CA LEU C 327 -20.24 31.53 7.08
C LEU C 327 -21.64 31.08 7.49
N VAL C 328 -22.26 31.78 8.44
CA VAL C 328 -23.63 31.41 8.86
C VAL C 328 -24.65 31.56 7.71
N GLN C 329 -24.47 32.59 6.88
CA GLN C 329 -25.31 32.76 5.67
C GLN C 329 -25.19 31.55 4.74
N ARG C 330 -23.96 31.09 4.49
CA ARG C 330 -23.76 29.93 3.62
C ARG C 330 -24.41 28.68 4.24
N LEU C 331 -24.22 28.48 5.54
CA LEU C 331 -24.79 27.33 6.24
C LEU C 331 -26.32 27.41 6.37
N ALA C 332 -26.85 28.63 6.58
CA ALA C 332 -28.30 28.82 6.71
C ALA C 332 -29.05 28.49 5.43
N ALA C 333 -28.41 28.74 4.29
CA ALA C 333 -29.00 28.47 2.98
C ALA C 333 -29.37 26.99 2.76
N THR C 334 -28.95 26.11 3.66
CA THR C 334 -29.46 24.74 3.73
C THR C 334 -30.10 24.46 5.09
N LYS D 5 9.92 -20.31 24.86
CA LYS D 5 10.62 -19.29 24.01
C LYS D 5 10.97 -18.04 24.83
N ALA D 6 11.46 -18.26 26.05
CA ALA D 6 11.68 -17.20 27.04
C ALA D 6 12.55 -16.05 26.52
N ALA D 7 12.20 -14.83 26.92
CA ALA D 7 13.05 -13.67 26.69
C ALA D 7 14.33 -13.81 27.52
N VAL D 8 14.17 -14.33 28.74
CA VAL D 8 15.30 -14.54 29.64
C VAL D 8 15.13 -15.87 30.36
N ASN D 9 16.22 -16.60 30.49
CA ASN D 9 16.23 -17.79 31.29
C ASN D 9 17.62 -18.01 31.88
N GLU D 10 17.78 -17.61 33.14
CA GLU D 10 19.05 -17.77 33.83
C GLU D 10 18.88 -17.68 35.35
N ASP D 11 19.59 -18.56 36.06
CA ASP D 11 19.71 -18.55 37.52
C ASP D 11 18.34 -18.69 38.21
N GLY D 12 17.41 -19.35 37.54
CA GLY D 12 16.07 -19.50 38.04
C GLY D 12 15.13 -18.38 37.62
N LEU D 13 15.65 -17.35 36.98
CA LEU D 13 14.82 -16.24 36.50
C LEU D 13 14.33 -16.54 35.10
N VAL D 14 13.02 -16.72 34.95
CA VAL D 14 12.45 -16.99 33.63
C VAL D 14 11.42 -15.93 33.27
N ILE D 15 11.75 -15.11 32.27
CA ILE D 15 10.86 -14.06 31.79
C ILE D 15 10.32 -14.50 30.43
N PRO D 16 9.00 -14.82 30.37
CA PRO D 16 8.41 -15.23 29.11
C PRO D 16 8.29 -14.09 28.09
N LEU D 17 8.36 -14.44 26.81
CA LEU D 17 8.02 -13.54 25.70
C LEU D 17 6.64 -13.93 25.19
N ILE D 18 5.67 -13.04 25.31
CA ILE D 18 4.27 -13.41 25.09
C ILE D 18 3.62 -12.54 24.02
N ASP D 19 2.91 -13.21 23.12
CA ASP D 19 2.17 -12.56 22.04
C ASP D 19 0.82 -12.06 22.57
N PHE D 20 0.72 -10.76 22.81
CA PHE D 20 -0.48 -10.20 23.42
C PHE D 20 -1.72 -10.23 22.51
N SER D 21 -1.51 -10.22 21.19
CA SER D 21 -2.63 -10.31 20.24
C SER D 21 -3.37 -11.65 20.34
N LYS D 22 -2.72 -12.66 20.91
CA LYS D 22 -3.37 -13.95 21.17
C LYS D 22 -4.37 -13.83 22.31
N PHE D 23 -4.12 -12.93 23.26
CA PHE D 23 -5.08 -12.67 24.31
C PHE D 23 -6.22 -11.79 23.81
N LEU D 24 -5.89 -10.73 23.07
CA LEU D 24 -6.90 -9.79 22.59
C LEU D 24 -7.79 -10.31 21.45
N GLU D 25 -7.19 -11.07 20.53
CA GLU D 25 -7.87 -11.44 19.28
C GLU D 25 -8.04 -12.95 19.09
N GLY D 26 -7.51 -13.72 20.04
CA GLY D 26 -7.63 -15.18 19.99
C GLY D 26 -9.00 -15.65 20.42
N ASP D 27 -9.33 -16.87 20.01
CA ASP D 27 -10.50 -17.59 20.50
C ASP D 27 -10.35 -17.88 22.00
N GLU D 28 -11.44 -18.33 22.61
CA GLU D 28 -11.52 -18.44 24.08
C GLU D 28 -10.46 -19.34 24.72
N THR D 29 -10.04 -20.38 24.01
CA THR D 29 -9.02 -21.29 24.54
C THR D 29 -7.64 -20.64 24.52
N LEU D 30 -7.29 -20.04 23.40
CA LEU D 30 -5.99 -19.39 23.25
C LEU D 30 -5.87 -18.16 24.16
N LYS D 31 -6.96 -17.44 24.30
CA LYS D 31 -7.07 -16.30 25.21
C LYS D 31 -6.74 -16.70 26.62
N LEU D 32 -7.38 -17.77 27.08
CA LEU D 32 -7.14 -18.33 28.40
C LEU D 32 -5.70 -18.82 28.58
N GLU D 33 -5.19 -19.55 27.60
CA GLU D 33 -3.79 -20.02 27.62
C GLU D 33 -2.81 -18.85 27.72
N THR D 34 -3.05 -17.83 26.91
CA THR D 34 -2.20 -16.65 26.89
C THR D 34 -2.26 -15.92 28.25
N ALA D 35 -3.47 -15.79 28.78
CA ALA D 35 -3.70 -15.16 30.09
C ALA D 35 -2.96 -15.88 31.20
N LYS D 36 -3.01 -17.22 31.19
CA LYS D 36 -2.33 -18.03 32.21
C LYS D 36 -0.81 -17.88 32.13
N ALA D 37 -0.27 -17.79 30.91
CA ALA D 37 1.17 -17.54 30.70
C ALA D 37 1.57 -16.16 31.22
N ILE D 38 0.73 -15.16 30.98
CA ILE D 38 0.94 -13.80 31.48
C ILE D 38 0.98 -13.80 33.02
N LEU D 39 -0.02 -14.43 33.64
CA LEU D 39 -0.11 -14.50 35.09
C LEU D 39 1.05 -15.31 35.66
N HIS D 40 1.42 -16.41 35.00
CA HIS D 40 2.53 -17.23 35.45
C HIS D 40 3.84 -16.44 35.51
N GLY D 41 4.08 -15.62 34.48
CA GLY D 41 5.22 -14.71 34.46
C GLY D 41 5.24 -13.76 35.67
N PHE D 42 4.12 -13.10 35.92
CA PHE D 42 4.02 -12.16 37.05
C PHE D 42 4.17 -12.86 38.41
N GLN D 43 3.74 -14.12 38.48
CA GLN D 43 3.82 -14.92 39.70
C GLN D 43 5.20 -15.50 39.99
N THR D 44 6.12 -15.42 39.03
CA THR D 44 7.42 -16.06 39.17
C THR D 44 8.53 -15.03 39.04
N ALA D 45 8.72 -14.51 37.83
CA ALA D 45 9.73 -13.47 37.56
C ALA D 45 9.29 -12.08 38.01
N GLY D 46 7.99 -11.84 37.99
CA GLY D 46 7.45 -10.50 38.21
C GLY D 46 7.55 -9.63 36.96
N PHE D 47 8.13 -10.19 35.90
CA PHE D 47 8.42 -9.49 34.66
C PHE D 47 7.97 -10.37 33.48
N ILE D 48 7.40 -9.74 32.45
CA ILE D 48 7.19 -10.41 31.17
C ILE D 48 7.59 -9.47 30.01
N TYR D 49 7.90 -10.05 28.85
CA TYR D 49 7.95 -9.28 27.60
C TYR D 49 6.67 -9.55 26.83
N LEU D 50 6.04 -8.48 26.36
CA LEU D 50 4.90 -8.59 25.49
C LEU D 50 5.27 -8.12 24.09
N LYS D 51 4.89 -8.92 23.09
CA LYS D 51 4.98 -8.51 21.69
C LYS D 51 3.58 -8.45 21.06
N ASN D 52 3.50 -7.81 19.90
CA ASN D 52 2.24 -7.56 19.19
C ASN D 52 1.19 -6.89 20.08
N ILE D 53 1.56 -5.77 20.69
CA ILE D 53 0.62 -4.99 21.50
C ILE D 53 -0.15 -4.06 20.56
N PRO D 54 -1.29 -3.50 21.00
CA PRO D 54 -2.00 -2.57 20.11
C PRO D 54 -1.23 -1.30 19.75
N ILE D 55 -0.30 -0.87 20.60
CA ILE D 55 0.54 0.29 20.31
C ILE D 55 1.47 -0.03 19.13
N GLN D 56 1.26 0.67 18.02
CA GLN D 56 1.99 0.38 16.77
C GLN D 56 3.44 0.92 16.83
N PRO D 57 4.40 0.16 16.26
CA PRO D 57 5.83 0.53 16.31
C PRO D 57 6.21 1.88 15.67
N ASP D 58 5.64 2.20 14.52
CA ASP D 58 5.93 3.50 13.88
C ASP D 58 5.51 4.64 14.81
N PHE D 59 4.35 4.52 15.47
CA PHE D 59 3.93 5.51 16.45
C PHE D 59 4.88 5.55 17.66
N ARG D 60 5.28 4.38 18.14
CA ARG D 60 6.28 4.26 19.21
C ARG D 60 7.59 4.96 18.86
N GLU D 61 8.08 4.73 17.65
CA GLU D 61 9.31 5.40 17.16
C GLU D 61 9.14 6.92 17.11
N HIS D 62 7.96 7.38 16.68
CA HIS D 62 7.65 8.82 16.69
C HIS D 62 7.67 9.39 18.12
N VAL D 63 7.15 8.61 19.08
CA VAL D 63 7.11 9.05 20.48
C VAL D 63 8.52 9.18 21.05
N PHE D 64 9.40 8.23 20.73
CA PHE D 64 10.80 8.29 21.16
C PHE D 64 11.55 9.48 20.56
N ASN D 65 11.30 9.76 19.28
CA ASN D 65 11.89 10.91 18.61
C ASN D 65 11.40 12.21 19.23
N THR D 66 10.12 12.24 19.59
CA THR D 66 9.53 13.37 20.28
C THR D 66 10.09 13.53 21.70
N SER D 67 10.39 12.42 22.36
CA SER D 67 11.05 12.47 23.67
C SER D 67 12.49 13.00 23.54
N ALA D 68 13.18 12.54 22.51
CA ALA D 68 14.56 12.95 22.26
C ALA D 68 14.65 14.46 22.07
N LYS D 69 13.70 15.02 21.33
CA LYS D 69 13.67 16.47 21.08
C LYS D 69 13.53 17.28 22.38
N PHE D 70 12.71 16.80 23.30
CA PHE D 70 12.52 17.50 24.58
C PHE D 70 13.82 17.56 25.38
N PHE D 71 14.54 16.45 25.46
CA PHE D 71 15.78 16.40 26.23
C PHE D 71 16.95 17.14 25.55
N LYS D 72 16.82 17.38 24.25
CA LYS D 72 17.79 18.20 23.50
C LYS D 72 17.68 19.70 23.80
N LEU D 73 16.60 20.10 24.46
CA LEU D 73 16.45 21.49 24.91
C LEU D 73 17.60 21.94 25.81
N PRO D 74 17.89 23.26 25.82
CA PRO D 74 18.82 23.84 26.78
C PRO D 74 18.42 23.55 28.23
N LYS D 75 19.41 23.35 29.08
CA LYS D 75 19.20 22.85 30.45
C LYS D 75 18.49 23.85 31.37
N GLU D 76 18.27 25.07 30.87
CA GLU D 76 17.46 26.09 31.55
C GLU D 76 15.98 25.88 31.29
N LYS D 77 15.64 25.67 30.02
CA LYS D 77 14.26 25.45 29.60
C LYS D 77 13.62 24.22 30.27
N LYS D 78 14.42 23.16 30.43
CA LYS D 78 13.94 21.93 31.08
C LYS D 78 13.63 22.14 32.58
N LEU D 79 14.38 23.02 33.24
CA LEU D 79 14.09 23.36 34.64
C LEU D 79 12.80 24.16 34.80
N GLU D 80 12.47 24.98 33.79
CA GLU D 80 11.21 25.76 33.79
C GLU D 80 9.96 24.90 33.96
N VAL D 81 10.05 23.63 33.55
CA VAL D 81 8.95 22.66 33.73
C VAL D 81 9.34 21.58 34.73
N GLY D 82 9.86 22.02 35.88
CA GLY D 82 10.43 21.12 36.89
C GLY D 82 9.44 20.45 37.84
N TRP D 83 9.86 19.30 38.36
CA TRP D 83 9.12 18.54 39.38
C TRP D 83 8.97 19.37 40.64
N THR D 84 7.84 19.21 41.34
CA THR D 84 7.55 20.01 42.54
C THR D 84 7.27 19.16 43.79
N THR D 85 6.09 18.54 43.84
CA THR D 85 5.61 17.83 45.03
C THR D 85 5.34 16.34 44.77
N PRO D 86 5.37 15.50 45.83
CA PRO D 86 5.00 14.08 45.70
C PRO D 86 3.51 13.86 45.41
N GLU D 87 2.69 14.85 45.78
CA GLU D 87 1.24 14.81 45.54
C GLU D 87 0.92 14.98 44.06
N ALA D 88 1.78 15.72 43.35
CA ALA D 88 1.57 16.03 41.92
C ALA D 88 2.24 15.01 41.00
N ASN D 89 3.51 14.70 41.29
CA ASN D 89 4.28 13.69 40.56
C ASN D 89 4.42 13.98 39.05
N ARG D 90 4.71 15.24 38.72
CA ARG D 90 4.76 15.71 37.34
C ARG D 90 5.89 16.72 37.15
N GLY D 91 6.50 16.70 35.97
CA GLY D 91 7.54 17.66 35.60
C GLY D 91 8.88 17.05 35.25
N TYR D 92 9.83 17.92 34.89
CA TYR D 92 11.20 17.52 34.59
C TYR D 92 11.99 17.31 35.89
N SER D 93 12.97 16.40 35.84
CA SER D 93 13.84 16.18 36.98
C SER D 93 15.18 15.55 36.58
N ALA D 94 16.21 15.88 37.35
CA ALA D 94 17.53 15.28 37.21
C ALA D 94 18.14 15.06 38.60
N PRO D 95 18.68 13.85 38.86
CA PRO D 95 19.36 13.62 40.14
C PRO D 95 20.65 14.43 40.26
N GLY D 96 20.63 15.44 41.12
CA GLY D 96 21.80 16.27 41.40
C GLY D 96 22.59 15.71 42.57
N ARG D 97 23.64 16.43 42.94
CA ARG D 97 24.48 16.06 44.07
C ARG D 97 24.01 16.78 45.34
N GLU D 98 23.88 16.02 46.43
CA GLU D 98 23.64 16.56 47.75
C GLU D 98 24.81 17.44 48.17
N LYS D 99 24.51 18.60 48.76
CA LYS D 99 25.56 19.55 49.18
C LYS D 99 25.92 19.41 50.65
N VAL D 100 27.18 19.65 50.94
CA VAL D 100 27.66 19.71 52.32
C VAL D 100 27.37 21.12 52.86
N THR D 101 26.67 21.17 53.99
CA THR D 101 26.32 22.43 54.65
C THR D 101 26.75 22.37 56.11
N GLN D 102 26.61 23.49 56.79
CA GLN D 102 26.75 23.56 58.25
C GLN D 102 25.78 22.61 58.97
N LEU D 103 24.64 22.33 58.33
CA LEU D 103 23.59 21.46 58.87
C LEU D 103 23.89 19.98 58.63
N THR D 104 24.92 19.68 57.85
CA THR D 104 25.26 18.30 57.47
C THR D 104 25.83 17.51 58.65
N ASP D 105 25.45 16.24 58.70
CA ASP D 105 26.01 15.28 59.64
C ASP D 105 27.45 14.97 59.22
N PRO D 106 28.44 15.34 60.07
CA PRO D 106 29.86 15.09 59.77
C PRO D 106 30.19 13.62 59.49
N ALA D 107 29.46 12.71 60.12
CA ALA D 107 29.64 11.27 59.92
C ALA D 107 29.52 10.82 58.46
N GLU D 108 28.66 11.51 57.69
CA GLU D 108 28.46 11.15 56.27
C GLU D 108 28.78 12.32 55.31
N ILE D 109 29.73 13.16 55.68
CA ILE D 109 30.28 14.18 54.78
C ILE D 109 31.05 13.51 53.64
N GLU D 110 31.81 12.47 53.96
CA GLU D 110 32.57 11.72 52.96
C GLU D 110 31.67 10.91 52.01
N LYS D 111 30.59 10.34 52.55
CA LYS D 111 29.58 9.66 51.73
C LYS D 111 28.97 10.63 50.71
N ILE D 112 28.62 11.82 51.17
CA ILE D 112 28.05 12.87 50.30
C ILE D 112 29.04 13.29 49.22
N ARG D 113 30.30 13.49 49.62
CA ARG D 113 31.36 13.89 48.68
C ARG D 113 31.67 12.78 47.66
N SER D 114 31.64 11.53 48.10
CA SER D 114 31.94 10.39 47.24
C SER D 114 30.76 10.02 46.32
N ALA D 115 29.54 10.16 46.83
CA ALA D 115 28.31 9.74 46.13
C ALA D 115 28.30 10.09 44.65
N ALA D 116 27.85 9.13 43.84
CA ALA D 116 27.68 9.36 42.40
C ALA D 116 26.23 9.15 42.00
N PRO D 117 25.53 10.25 41.64
CA PRO D 117 24.14 10.17 41.18
C PRO D 117 23.96 9.35 39.92
N ASP D 118 22.76 8.81 39.75
CA ASP D 118 22.39 8.13 38.52
C ASP D 118 22.54 9.10 37.34
N ILE D 119 23.13 8.64 36.25
CA ILE D 119 23.33 9.51 35.08
C ILE D 119 22.09 9.41 34.21
N LYS D 120 21.03 10.07 34.66
CA LYS D 120 19.74 10.06 33.97
C LYS D 120 19.03 11.38 34.17
N GLU D 121 18.11 11.68 33.27
CA GLU D 121 17.15 12.75 33.45
C GLU D 121 15.78 12.22 33.06
N SER D 122 14.72 12.84 33.58
CA SER D 122 13.38 12.35 33.36
C SER D 122 12.37 13.46 33.19
N TYR D 123 11.22 13.11 32.62
CA TYR D 123 10.09 14.03 32.54
C TYR D 123 8.80 13.25 32.69
N GLU D 124 7.97 13.68 33.64
CA GLU D 124 6.77 12.94 33.99
C GLU D 124 5.49 13.68 33.65
N ILE D 125 4.51 12.92 33.16
CA ILE D 125 3.22 13.40 32.68
C ILE D 125 2.13 12.55 33.30
N GLY D 126 1.11 13.19 33.87
CA GLY D 126 -0.06 12.51 34.43
C GLY D 126 -1.28 12.74 33.55
N ARG D 127 -2.46 12.32 34.04
CA ARG D 127 -3.70 12.61 33.31
C ARG D 127 -3.98 14.11 33.34
N GLU D 128 -4.59 14.61 32.27
CA GLU D 128 -4.86 16.04 32.09
C GLU D 128 -6.02 16.53 32.94
N ASP D 129 -6.94 15.64 33.26
CA ASP D 129 -8.20 16.03 33.92
C ASP D 129 -8.14 15.90 35.46
N GLU D 130 -6.98 16.19 36.03
CA GLU D 130 -6.79 16.05 37.47
C GLU D 130 -6.78 17.40 38.16
N PRO D 131 -7.89 17.73 38.86
CA PRO D 131 -8.01 19.04 39.51
C PRO D 131 -6.88 19.29 40.51
N GLY D 132 -6.23 20.43 40.38
CA GLY D 132 -5.17 20.83 41.31
C GLY D 132 -3.76 20.38 40.93
N HIS D 133 -3.65 19.51 39.93
CA HIS D 133 -2.33 19.03 39.51
C HIS D 133 -2.21 18.95 37.99
N PRO D 134 -1.96 20.10 37.34
CA PRO D 134 -1.78 20.13 35.89
C PRO D 134 -0.37 19.71 35.45
N ASN D 135 -0.25 19.24 34.21
CA ASN D 135 1.05 18.90 33.64
C ASN D 135 1.79 20.17 33.24
N PRO D 136 3.03 20.35 33.73
CA PRO D 136 3.79 21.52 33.29
C PRO D 136 4.37 21.30 31.89
N TRP D 137 3.53 21.52 30.88
CA TRP D 137 3.92 21.39 29.47
C TRP D 137 4.93 22.47 29.05
N PRO D 138 5.93 22.09 28.24
CA PRO D 138 6.88 23.07 27.73
C PRO D 138 6.29 23.87 26.57
N ALA D 139 6.84 25.07 26.35
CA ALA D 139 6.37 25.95 25.28
C ALA D 139 6.48 25.27 23.92
N GLU D 140 5.38 25.29 23.17
CA GLU D 140 5.27 24.62 21.88
C GLU D 140 5.92 25.45 20.76
N GLN D 141 7.25 25.38 20.70
CA GLN D 141 8.05 26.10 19.70
C GLN D 141 9.08 25.17 19.07
N ASP D 142 9.58 25.57 17.90
CA ASP D 142 10.64 24.83 17.20
C ASP D 142 10.34 23.33 17.03
N ASP D 143 11.22 22.48 17.57
CA ASP D 143 11.10 21.03 17.46
C ASP D 143 9.97 20.43 18.32
N LEU D 144 9.36 21.25 19.16
CA LEU D 144 8.44 20.76 20.19
C LEU D 144 6.97 21.06 19.91
N VAL D 145 6.67 21.53 18.71
CA VAL D 145 5.28 21.63 18.26
C VAL D 145 4.76 20.20 18.11
N GLY D 146 3.63 19.90 18.74
CA GLY D 146 3.05 18.56 18.74
C GLY D 146 3.51 17.67 19.88
N PHE D 147 4.46 18.15 20.69
CA PHE D 147 4.94 17.42 21.86
C PHE D 147 3.77 17.01 22.74
N LYS D 148 2.93 17.98 23.11
CA LYS D 148 1.80 17.74 24.00
C LYS D 148 0.83 16.70 23.44
N SER D 149 0.34 16.92 22.23
CA SER D 149 -0.65 16.03 21.64
C SER D 149 -0.11 14.61 21.37
N THR D 150 1.19 14.49 21.10
CA THR D 150 1.81 13.17 20.92
C THR D 150 1.87 12.42 22.26
N MET D 151 2.36 13.10 23.30
CA MET D 151 2.48 12.49 24.63
C MET D 151 1.11 12.11 25.21
N ASN D 152 0.10 12.95 25.03
CA ASN D 152 -1.26 12.62 25.47
C ASN D 152 -1.88 11.45 24.71
N ASN D 153 -1.58 11.30 23.42
CA ASN D 153 -2.06 10.11 22.71
C ASN D 153 -1.38 8.88 23.28
N PHE D 154 -0.06 8.93 23.46
CA PHE D 154 0.69 7.80 24.02
C PHE D 154 0.18 7.42 25.41
N PHE D 155 -0.01 8.41 26.27
CA PHE D 155 -0.56 8.23 27.62
C PHE D 155 -1.87 7.45 27.59
N ASP D 156 -2.76 7.86 26.69
CA ASP D 156 -4.07 7.22 26.53
C ASP D 156 -3.98 5.82 25.93
N GLN D 157 -3.00 5.59 25.06
CA GLN D 157 -2.78 4.26 24.50
C GLN D 157 -2.22 3.30 25.56
N CYS D 158 -1.30 3.78 26.39
CA CYS D 158 -0.79 2.98 27.49
C CYS D 158 -1.91 2.70 28.50
N LYS D 159 -2.73 3.72 28.76
CA LYS D 159 -3.87 3.60 29.65
C LYS D 159 -4.76 2.42 29.26
N ALA D 160 -5.08 2.33 27.97
CA ALA D 160 -5.86 1.21 27.44
C ALA D 160 -5.14 -0.14 27.57
N LEU D 161 -3.81 -0.13 27.37
CA LEU D 161 -3.04 -1.36 27.51
C LEU D 161 -3.03 -1.84 28.96
N HIS D 162 -2.95 -0.92 29.91
CA HIS D 162 -3.02 -1.25 31.34
C HIS D 162 -4.29 -2.00 31.66
N ILE D 163 -5.41 -1.51 31.17
CA ILE D 163 -6.71 -2.15 31.40
C ILE D 163 -6.70 -3.59 30.88
N GLU D 164 -6.14 -3.81 29.69
CA GLU D 164 -6.11 -5.14 29.09
C GLU D 164 -5.15 -6.10 29.81
N VAL D 165 -3.99 -5.61 30.26
CA VAL D 165 -3.07 -6.45 31.04
C VAL D 165 -3.76 -6.94 32.31
N MET D 166 -4.44 -6.04 33.01
CA MET D 166 -5.15 -6.44 34.23
C MET D 166 -6.26 -7.47 33.93
N ARG D 167 -6.95 -7.29 32.79
CA ARG D 167 -7.93 -8.28 32.33
C ARG D 167 -7.27 -9.64 32.08
N ALA D 168 -6.07 -9.63 31.46
CA ALA D 168 -5.33 -10.88 31.27
C ALA D 168 -5.02 -11.56 32.61
N ILE D 169 -4.62 -10.76 33.59
CA ILE D 169 -4.33 -11.26 34.93
C ILE D 169 -5.60 -11.87 35.54
N ALA D 170 -6.70 -11.15 35.45
CA ALA D 170 -7.99 -11.63 35.95
C ALA D 170 -8.39 -12.95 35.30
N VAL D 171 -8.35 -13.00 33.98
CA VAL D 171 -8.68 -14.22 33.24
C VAL D 171 -7.76 -15.35 33.66
N GLY D 172 -6.46 -15.07 33.72
CA GLY D 172 -5.48 -16.04 34.18
C GLY D 172 -5.78 -16.58 35.57
N MET D 173 -6.27 -15.72 36.44
CA MET D 173 -6.64 -16.12 37.82
C MET D 173 -7.95 -16.88 37.88
N GLY D 174 -8.71 -16.83 36.80
CA GLY D 174 -10.03 -17.44 36.76
C GLY D 174 -11.05 -16.67 37.59
N ILE D 175 -10.86 -15.35 37.71
CA ILE D 175 -11.88 -14.49 38.32
C ILE D 175 -12.58 -13.72 37.21
N ASP D 176 -13.60 -12.94 37.55
CA ASP D 176 -14.28 -12.13 36.54
C ASP D 176 -13.25 -11.34 35.73
N ALA D 177 -13.33 -11.45 34.41
CA ALA D 177 -12.37 -10.80 33.50
C ALA D 177 -12.27 -9.29 33.70
N ASN D 178 -13.35 -8.69 34.23
CA ASN D 178 -13.44 -7.24 34.40
C ASN D 178 -13.23 -6.82 35.85
N TYR D 179 -12.79 -7.74 36.69
CA TYR D 179 -12.60 -7.46 38.11
C TYR D 179 -11.82 -6.17 38.41
N PHE D 180 -10.76 -5.90 37.65
CA PHE D 180 -9.90 -4.75 37.94
C PHE D 180 -10.40 -3.42 37.37
N ASP D 181 -11.37 -3.48 36.45
CA ASP D 181 -11.90 -2.28 35.77
C ASP D 181 -12.22 -1.13 36.75
N SER D 182 -13.05 -1.40 37.74
CA SER D 182 -13.47 -0.36 38.69
C SER D 182 -12.35 0.09 39.64
N PHE D 183 -11.27 -0.67 39.73
CA PHE D 183 -10.13 -0.30 40.58
C PHE D 183 -9.12 0.57 39.84
N VAL D 184 -9.19 0.59 38.51
CA VAL D 184 -8.18 1.27 37.70
C VAL D 184 -8.72 2.26 36.66
N ASP D 185 -10.04 2.44 36.61
CA ASP D 185 -10.70 3.24 35.55
C ASP D 185 -10.42 4.75 35.57
N VAL D 186 -9.92 5.30 36.68
CA VAL D 186 -9.57 6.71 36.72
C VAL D 186 -8.29 6.97 35.91
N GLY D 187 -7.40 5.99 35.84
CA GLY D 187 -6.15 6.13 35.10
C GLY D 187 -5.16 7.07 35.76
N ASP D 188 -4.99 6.91 37.07
CA ASP D 188 -4.04 7.69 37.86
C ASP D 188 -2.62 7.16 37.61
N ASN D 189 -2.19 7.29 36.35
CA ASN D 189 -0.90 6.75 35.91
C ASN D 189 0.09 7.86 35.62
N ILE D 190 1.39 7.52 35.64
CA ILE D 190 2.45 8.47 35.31
C ILE D 190 3.27 7.96 34.12
N LEU D 191 3.27 8.75 33.06
CA LEU D 191 4.14 8.55 31.89
C LEU D 191 5.49 9.21 32.18
N ARG D 192 6.51 8.39 32.35
CA ARG D 192 7.85 8.88 32.62
C ARG D 192 8.77 8.70 31.42
N LEU D 193 9.14 9.83 30.81
CA LEU D 193 10.14 9.87 29.75
C LEU D 193 11.52 9.84 30.38
N LEU D 194 12.39 8.96 29.85
CA LEU D 194 13.73 8.78 30.40
C LEU D 194 14.82 8.94 29.36
N HIS D 195 15.88 9.67 29.72
CA HIS D 195 17.05 9.85 28.87
C HIS D 195 18.30 9.62 29.70
N TYR D 196 19.11 8.65 29.26
CA TYR D 196 20.39 8.36 29.89
C TYR D 196 21.49 8.85 28.93
N PRO D 197 22.05 10.04 29.19
CA PRO D 197 23.00 10.68 28.26
C PRO D 197 24.20 9.81 27.93
N ALA D 198 24.80 10.02 26.76
CA ALA D 198 26.00 9.30 26.36
C ALA D 198 27.04 9.34 27.47
N VAL D 199 27.76 8.23 27.66
CA VAL D 199 28.70 8.12 28.78
C VAL D 199 29.94 7.27 28.42
N LYS D 200 31.08 7.65 28.99
CA LYS D 200 32.36 6.99 28.73
C LYS D 200 32.54 5.75 29.62
N SER D 201 32.96 4.64 29.02
CA SER D 201 33.24 3.40 29.75
C SER D 201 34.20 3.62 30.92
N GLU D 202 35.15 4.54 30.72
CA GLU D 202 36.16 4.85 31.74
C GLU D 202 35.57 5.38 33.05
N VAL D 203 34.42 6.07 32.98
CA VAL D 203 33.79 6.60 34.20
C VAL D 203 33.22 5.46 35.05
N PHE D 204 33.00 4.29 34.42
CA PHE D 204 32.64 3.08 35.16
C PHE D 204 33.88 2.35 35.68
N LYS D 205 35.03 2.62 35.07
CA LYS D 205 36.31 2.12 35.56
C LYS D 205 36.86 3.03 36.66
N ILE D 206 36.71 4.34 36.48
CA ILE D 206 37.06 5.34 37.49
C ILE D 206 36.14 5.18 38.71
N ASN D 207 34.85 5.00 38.45
CA ASN D 207 33.87 4.90 39.53
C ASN D 207 33.29 3.50 39.66
N PRO D 208 33.57 2.81 40.79
CA PRO D 208 32.92 1.55 41.09
C PRO D 208 31.55 1.77 41.72
N GLY D 209 30.51 1.23 41.10
CA GLY D 209 29.15 1.37 41.62
C GLY D 209 28.42 2.57 41.04
N GLN D 210 28.94 3.11 39.94
CA GLN D 210 28.20 4.10 39.15
C GLN D 210 27.22 3.36 38.24
N VAL D 211 25.96 3.76 38.30
CA VAL D 211 24.90 3.15 37.48
C VAL D 211 24.01 4.20 36.84
N ARG D 212 23.29 3.79 35.80
CA ARG D 212 22.36 4.67 35.08
C ARG D 212 21.03 4.80 35.82
N ALA D 213 20.57 3.70 36.43
CA ALA D 213 19.41 3.73 37.32
C ALA D 213 19.65 2.78 38.51
N GLY D 214 19.50 3.31 39.71
CA GLY D 214 19.75 2.55 40.92
C GLY D 214 18.74 1.46 41.15
N GLU D 215 19.17 0.38 41.83
CA GLU D 215 18.29 -0.76 42.08
C GLU D 215 17.09 -0.33 42.91
N HIS D 216 15.93 -0.83 42.52
CA HIS D 216 14.69 -0.46 43.17
C HIS D 216 13.61 -1.45 42.80
N THR D 217 12.50 -1.40 43.51
CA THR D 217 11.24 -1.95 43.01
C THR D 217 10.29 -0.82 42.71
N ASP D 218 9.40 -1.04 41.75
CA ASP D 218 8.42 -0.04 41.41
C ASP D 218 7.29 -0.06 42.44
N TYR D 219 6.66 1.10 42.61
CA TYR D 219 5.70 1.31 43.69
C TYR D 219 4.30 0.79 43.41
N GLY D 220 3.87 0.93 42.15
CA GLY D 220 2.46 0.76 41.75
C GLY D 220 1.99 -0.65 41.42
N SER D 221 1.05 -0.73 40.48
CA SER D 221 0.43 -2.00 40.09
C SER D 221 1.22 -2.73 38.99
N ILE D 222 1.19 -2.20 37.77
CA ILE D 222 2.15 -2.62 36.74
C ILE D 222 2.87 -1.43 36.10
N THR D 223 4.03 -1.71 35.51
CA THR D 223 4.80 -0.72 34.76
C THR D 223 4.99 -1.21 33.32
N LEU D 224 4.67 -0.36 32.36
CA LEU D 224 4.90 -0.66 30.95
C LEU D 224 6.20 0.01 30.55
N LEU D 225 7.21 -0.79 30.25
CA LEU D 225 8.52 -0.22 29.96
C LEU D 225 8.92 -0.43 28.50
N PHE D 226 9.08 0.68 27.80
CA PHE D 226 9.54 0.67 26.42
C PHE D 226 11.00 1.06 26.44
N GLN D 227 11.87 0.15 26.01
CA GLN D 227 13.29 0.45 25.93
C GLN D 227 13.75 0.42 24.48
N ASP D 228 14.82 1.16 24.20
CA ASP D 228 15.47 1.08 22.88
C ASP D 228 16.46 -0.09 22.91
N SER D 229 17.31 -0.18 21.87
CA SER D 229 18.21 -1.31 21.71
C SER D 229 19.56 -1.19 22.45
N ARG D 230 19.74 -0.14 23.26
CA ARG D 230 21.03 0.08 23.93
C ARG D 230 21.40 -1.01 24.93
N GLY D 231 20.44 -1.47 25.72
CA GLY D 231 20.69 -2.51 26.73
C GLY D 231 21.06 -1.85 28.04
N GLY D 232 21.26 -2.65 29.08
CA GLY D 232 21.55 -2.13 30.43
C GLY D 232 20.52 -2.47 31.50
N LEU D 233 19.27 -2.70 31.12
CA LEU D 233 18.26 -3.13 32.09
C LEU D 233 18.61 -4.51 32.66
N GLN D 234 18.63 -4.61 33.98
CA GLN D 234 18.90 -5.87 34.67
C GLN D 234 17.79 -6.21 35.67
N VAL D 235 17.43 -7.49 35.72
CA VAL D 235 16.39 -7.98 36.62
C VAL D 235 17.05 -8.98 37.58
N LYS D 236 16.75 -8.83 38.87
CA LYS D 236 17.38 -9.69 39.88
C LYS D 236 16.71 -11.07 39.94
N SER D 237 17.55 -12.11 39.85
CA SER D 237 17.09 -13.48 39.85
C SER D 237 16.55 -13.86 41.23
N PRO D 238 15.73 -14.92 41.31
CA PRO D 238 15.33 -15.37 42.64
C PRO D 238 16.51 -15.89 43.45
N ASN D 239 17.66 -16.10 42.80
CA ASN D 239 18.84 -16.57 43.51
C ASN D 239 19.85 -15.45 43.79
N GLY D 240 19.47 -14.20 43.54
CA GLY D 240 20.19 -13.03 44.04
C GLY D 240 21.20 -12.38 43.10
N GLN D 241 21.15 -12.73 41.82
CA GLN D 241 22.05 -12.17 40.82
C GLN D 241 21.26 -11.40 39.75
N PHE D 242 21.78 -10.23 39.38
CA PHE D 242 21.21 -9.44 38.30
C PHE D 242 21.43 -10.12 36.94
N ILE D 243 20.38 -10.18 36.15
CA ILE D 243 20.40 -10.83 34.85
C ILE D 243 20.00 -9.80 33.81
N ASP D 244 20.71 -9.81 32.68
CA ASP D 244 20.44 -8.85 31.61
C ASP D 244 19.06 -9.09 31.01
N ALA D 245 18.26 -8.02 30.97
CA ALA D 245 16.98 -8.04 30.27
C ALA D 245 17.22 -7.48 28.86
N THR D 246 17.72 -8.35 27.99
CA THR D 246 18.11 -8.00 26.61
C THR D 246 16.96 -7.31 25.87
N PRO D 247 17.24 -6.18 25.21
CA PRO D 247 16.18 -5.60 24.39
C PRO D 247 15.74 -6.56 23.28
N ILE D 248 14.43 -6.69 23.09
CA ILE D 248 13.89 -7.40 21.94
C ILE D 248 13.03 -6.38 21.20
N GLU D 249 13.30 -6.22 19.92
CA GLU D 249 12.66 -5.19 19.12
C GLU D 249 11.14 -5.30 19.15
N ASN D 250 10.47 -4.16 19.29
CA ASN D 250 9.01 -4.09 19.32
C ASN D 250 8.35 -4.95 20.41
N THR D 251 8.98 -4.97 21.58
CA THR D 251 8.37 -5.53 22.77
C THR D 251 8.19 -4.42 23.78
N VAL D 252 7.26 -4.62 24.70
CA VAL D 252 7.16 -3.81 25.91
C VAL D 252 7.49 -4.75 27.07
N VAL D 253 8.32 -4.27 27.99
CA VAL D 253 8.65 -5.04 29.17
C VAL D 253 7.66 -4.60 30.25
N VAL D 254 6.98 -5.57 30.85
CA VAL D 254 5.95 -5.31 31.84
C VAL D 254 6.35 -5.99 33.15
N ASN D 255 6.38 -5.22 34.23
CA ASN D 255 6.62 -5.79 35.55
C ASN D 255 5.57 -5.34 36.57
N ALA D 256 5.41 -6.13 37.63
CA ALA D 256 4.49 -5.77 38.69
C ALA D 256 5.17 -4.87 39.71
N GLY D 257 4.40 -4.00 40.34
CA GLY D 257 4.93 -3.14 41.37
C GLY D 257 4.53 -3.61 42.76
N ASP D 258 4.98 -2.88 43.77
CA ASP D 258 4.82 -3.29 45.17
C ASP D 258 3.35 -3.33 45.59
N LEU D 259 2.54 -2.46 45.00
CA LEU D 259 1.13 -2.41 45.35
C LEU D 259 0.41 -3.66 44.83
N LEU D 260 0.78 -4.11 43.63
CA LEU D 260 0.20 -5.35 43.09
C LEU D 260 0.70 -6.58 43.84
N ALA D 261 1.97 -6.60 44.21
CA ALA D 261 2.46 -7.69 45.06
C ALA D 261 1.58 -7.83 46.31
N ARG D 262 1.35 -6.72 46.99
CA ARG D 262 0.55 -6.71 48.22
C ARG D 262 -0.91 -7.09 47.95
N TRP D 263 -1.47 -6.46 46.92
CA TRP D 263 -2.85 -6.69 46.46
C TRP D 263 -3.11 -8.16 46.19
N SER D 264 -2.09 -8.82 45.63
CA SER D 264 -2.15 -10.23 45.29
C SER D 264 -1.83 -11.16 46.47
N ASN D 265 -1.68 -10.60 47.66
CA ASN D 265 -1.25 -11.37 48.83
C ASN D 265 0.07 -12.10 48.52
N ASP D 266 0.97 -11.36 47.85
CA ASP D 266 2.28 -11.84 47.42
C ASP D 266 2.27 -13.06 46.49
N THR D 267 1.18 -13.29 45.74
CA THR D 267 1.21 -14.37 44.72
C THR D 267 1.88 -13.84 43.45
N ILE D 268 1.85 -12.53 43.29
CA ILE D 268 2.56 -11.84 42.22
C ILE D 268 3.78 -11.13 42.81
N LYS D 269 4.91 -11.25 42.12
CA LYS D 269 6.18 -10.73 42.63
C LYS D 269 6.45 -9.32 42.11
N SER D 270 6.92 -8.46 42.99
CA SER D 270 7.51 -7.18 42.62
C SER D 270 9.03 -7.31 42.70
N THR D 271 9.67 -7.26 41.54
CA THR D 271 11.06 -7.65 41.41
C THR D 271 12.03 -6.48 41.30
N VAL D 272 13.15 -6.62 42.01
CA VAL D 272 14.23 -5.63 41.97
C VAL D 272 14.87 -5.60 40.59
N HIS D 273 15.10 -4.39 40.09
CA HIS D 273 15.74 -4.19 38.80
C HIS D 273 16.54 -2.89 38.79
N ARG D 274 17.43 -2.78 37.81
CA ARG D 274 18.30 -1.62 37.70
C ARG D 274 18.73 -1.41 36.26
N VAL D 275 19.37 -0.28 36.00
CA VAL D 275 19.96 -0.02 34.69
C VAL D 275 21.44 0.27 34.89
N VAL D 276 22.28 -0.60 34.35
CA VAL D 276 23.74 -0.44 34.44
C VAL D 276 24.32 -0.11 33.06
N GLU D 277 25.64 -0.07 32.98
CA GLU D 277 26.36 0.07 31.71
C GLU D 277 25.93 -0.99 30.69
N PRO D 278 25.82 -0.63 29.40
CA PRO D 278 25.46 -1.63 28.39
C PRO D 278 26.50 -2.77 28.33
N PRO D 279 26.03 -4.02 28.18
CA PRO D 279 26.93 -5.19 28.16
C PRO D 279 27.82 -5.31 26.91
N LYS D 280 28.14 -4.19 26.28
CA LYS D 280 29.02 -4.17 25.11
C LYS D 280 30.27 -3.35 25.39
N GLN D 281 31.41 -3.81 24.86
CA GLN D 281 32.72 -3.25 25.16
C GLN D 281 33.13 -2.17 24.15
N GLU D 282 32.64 -0.95 24.38
CA GLU D 282 32.95 0.21 23.53
C GLU D 282 33.62 1.29 24.39
N ASP D 283 34.04 2.40 23.77
CA ASP D 283 34.68 3.50 24.49
C ASP D 283 33.67 4.54 24.96
N VAL D 284 32.72 4.86 24.09
CA VAL D 284 31.59 5.71 24.47
C VAL D 284 30.28 4.94 24.33
N HIS D 285 29.49 4.94 25.40
CA HIS D 285 28.14 4.39 25.38
C HIS D 285 27.20 5.50 24.95
N PRO D 286 26.57 5.36 23.77
CA PRO D 286 25.63 6.37 23.26
C PRO D 286 24.42 6.59 24.18
N PRO D 287 23.66 7.67 23.96
CA PRO D 287 22.49 7.93 24.81
C PRO D 287 21.51 6.77 24.81
N ARG D 288 20.96 6.44 25.98
CA ARG D 288 19.88 5.46 26.09
C ARG D 288 18.58 6.18 26.37
N TYR D 289 17.54 5.82 25.61
CA TYR D 289 16.18 6.30 25.85
C TYR D 289 15.28 5.15 26.25
N SER D 290 14.42 5.41 27.23
CA SER D 290 13.36 4.47 27.60
C SER D 290 12.13 5.24 28.03
N ILE D 291 10.99 4.57 28.05
CA ILE D 291 9.77 5.17 28.59
C ILE D 291 9.08 4.20 29.55
N ALA D 292 8.91 4.64 30.79
CA ALA D 292 8.25 3.88 31.84
C ALA D 292 6.88 4.48 32.08
N TYR D 293 5.85 3.71 31.81
CA TYR D 293 4.49 4.12 32.09
C TYR D 293 4.04 3.40 33.36
N PHE D 294 4.01 4.13 34.48
CA PHE D 294 3.64 3.56 35.78
C PHE D 294 2.14 3.54 35.94
N CYS D 295 1.58 2.34 36.07
CA CYS D 295 0.16 2.17 36.28
C CYS D 295 -0.14 1.97 37.75
N ASN D 296 -1.19 2.64 38.20
CA ASN D 296 -1.62 2.57 39.59
C ASN D 296 -3.12 2.31 39.68
N PRO D 297 -3.59 1.73 40.81
CA PRO D 297 -5.02 1.71 41.06
C PRO D 297 -5.53 3.13 41.32
N ASN D 298 -6.82 3.36 41.15
CA ASN D 298 -7.42 4.65 41.47
C ASN D 298 -7.03 5.09 42.88
N HIS D 299 -6.77 6.38 43.06
CA HIS D 299 -6.40 6.91 44.38
C HIS D 299 -7.39 6.49 45.47
N LYS D 300 -8.67 6.39 45.10
CA LYS D 300 -9.71 6.02 46.06
C LYS D 300 -9.84 4.50 46.28
N SER D 301 -9.13 3.69 45.48
CA SER D 301 -9.21 2.23 45.60
C SER D 301 -8.69 1.71 46.95
N TYR D 302 -9.40 0.73 47.48
CA TYR D 302 -9.00 0.03 48.70
C TYR D 302 -8.29 -1.23 48.29
N ILE D 303 -7.12 -1.49 48.88
CA ILE D 303 -6.29 -2.63 48.47
C ILE D 303 -6.24 -3.72 49.54
N GLU D 304 -6.82 -4.87 49.22
CA GLU D 304 -6.82 -6.05 50.07
C GLU D 304 -6.81 -7.31 49.18
N ALA D 305 -6.44 -8.45 49.75
CA ALA D 305 -6.24 -9.68 48.95
C ALA D 305 -7.31 -9.91 47.88
N ILE D 306 -6.86 -10.06 46.63
CA ILE D 306 -7.74 -10.40 45.51
C ILE D 306 -8.29 -11.80 45.74
N PRO D 307 -9.60 -12.02 45.49
CA PRO D 307 -10.12 -13.38 45.72
C PRO D 307 -9.41 -14.44 44.87
N GLY D 308 -9.18 -15.60 45.47
CA GLY D 308 -8.41 -16.67 44.85
C GLY D 308 -6.90 -16.63 45.11
N THR D 309 -6.43 -15.68 45.91
CA THR D 309 -5.00 -15.57 46.20
C THR D 309 -4.65 -16.11 47.59
N TYR D 310 -5.60 -16.78 48.21
CA TYR D 310 -5.43 -17.38 49.54
C TYR D 310 -6.53 -18.42 49.70
N ALA D 311 -6.28 -19.47 50.48
CA ALA D 311 -7.33 -20.43 50.79
C ALA D 311 -7.99 -20.00 52.10
N ALA D 312 -7.32 -20.28 53.21
CA ALA D 312 -7.83 -19.90 54.51
C ALA D 312 -7.52 -18.43 54.74
N GLU D 313 -8.34 -17.81 55.59
CA GLU D 313 -8.18 -16.40 55.95
C GLU D 313 -6.84 -16.15 56.66
N SER D 314 -6.34 -17.16 57.37
CA SER D 314 -5.03 -17.09 58.03
C SER D 314 -3.86 -16.84 57.08
N GLU D 315 -4.06 -17.07 55.79
CA GLU D 315 -3.03 -16.82 54.77
C GLU D 315 -2.94 -15.37 54.31
N ARG D 316 -3.96 -14.57 54.65
CA ARG D 316 -3.95 -13.13 54.32
C ARG D 316 -2.81 -12.47 55.05
N LYS D 317 -1.87 -11.90 54.30
CA LYS D 317 -0.65 -11.36 54.90
C LYS D 317 -0.79 -9.91 55.38
N TYR D 318 -1.68 -9.13 54.76
CA TYR D 318 -1.66 -7.67 54.91
C TYR D 318 -3.00 -7.05 55.29
N GLU D 319 -2.93 -5.98 56.10
CA GLU D 319 -4.11 -5.13 56.35
C GLU D 319 -4.49 -4.41 55.08
N GLY D 320 -5.78 -4.14 54.91
CA GLY D 320 -6.24 -3.42 53.73
C GLY D 320 -5.77 -1.98 53.80
N ILE D 321 -5.46 -1.38 52.65
CA ILE D 321 -4.98 0.02 52.62
C ILE D 321 -5.54 0.81 51.43
N ASN D 322 -5.68 2.10 51.62
CA ASN D 322 -6.02 3.02 50.54
C ASN D 322 -4.84 3.16 49.57
N SER D 323 -5.14 3.13 48.28
CA SER D 323 -4.11 3.19 47.22
C SER D 323 -3.39 4.55 47.15
N GLY D 324 -4.16 5.63 47.08
CA GLY D 324 -3.60 6.98 47.00
C GLY D 324 -2.66 7.30 48.16
N LYS D 325 -3.13 7.04 49.38
CA LYS D 325 -2.33 7.26 50.59
C LYS D 325 -1.04 6.42 50.60
N TYR D 326 -1.11 5.17 50.13
CA TYR D 326 0.08 4.34 50.04
C TYR D 326 1.10 4.96 49.08
N LEU D 327 0.62 5.36 47.90
CA LEU D 327 1.48 5.86 46.85
C LEU D 327 2.14 7.19 47.17
N VAL D 328 1.41 8.09 47.85
CA VAL D 328 2.00 9.36 48.28
C VAL D 328 3.08 9.14 49.35
N GLN D 329 2.87 8.19 50.25
CA GLN D 329 3.87 7.85 51.28
C GLN D 329 5.18 7.38 50.64
N ARG D 330 5.07 6.50 49.65
CA ARG D 330 6.24 6.00 48.90
C ARG D 330 6.96 7.13 48.16
N LEU D 331 6.18 8.01 47.52
CA LEU D 331 6.74 9.13 46.76
C LEU D 331 7.40 10.18 47.67
N ALA D 332 6.79 10.42 48.82
CA ALA D 332 7.23 11.45 49.75
C ALA D 332 8.39 11.01 50.65
N ALA D 333 8.59 9.70 50.77
CA ALA D 333 9.61 9.15 51.66
C ALA D 333 11.01 9.40 51.10
#